data_1OKV
#
_entry.id   1OKV
#
_cell.length_a   74.193
_cell.length_b   113.879
_cell.length_c   155.274
_cell.angle_alpha   90.00
_cell.angle_beta   90.00
_cell.angle_gamma   90.00
#
_symmetry.space_group_name_H-M   'P 21 21 21'
#
loop_
_entity.id
_entity.type
_entity.pdbx_description
1 polymer 'CELL DIVISION PROTEIN KINASE 2'
2 polymer 'CYCLIN A2'
3 polymer H-ARG-ARG-LEU-ILE-PHE-NH2
4 water water
#
loop_
_entity_poly.entity_id
_entity_poly.type
_entity_poly.pdbx_seq_one_letter_code
_entity_poly.pdbx_strand_id
1 'polypeptide(L)'
;MENFQKVEKIGEGTYGVVYKARNKLTGEVVALKKIRLDTETEGVPSTAIREISLLKELNHPNIVKLLDVIHTENKLYLVF
EFLHQDLKKFMDASALTGIPLPLIKSYLFQLLQGLAFCHSHRVLHRDLKPQNLLINTEGAIKLADFGLARAFGVPVRTYT
HEVVTLWYRAPEILLGCKYYSTAVDIWSLGCIFAEMVTRRALFPGDSEIDQLFRIFRTLGTPDEVVWPGVTSMPDYKPSF
PKWARQDFSKVVPPLDEDGRSLLSQMLHYDPNKRISAKAALAHPFFQDVTKPVPHLRL
;
A,C
2 'polypeptide(L)'
;NEVPDYHEDIHTYLREMEVKCKPKVGYMKKQPDITNSMRAILVDWLVEVGEEYKLQNETLHLAVNYIDRFLSSMSVLRGK
LQLVGTAAMLLASKFEEIYPPEVAEFVYITDDTYTKKQVLRMEHLVLKVLTFDLAAPTVNQFLTQYFLHQQPANCKVESL
AMFLGELSLIDADPYLKYLPSVIAGAAFHLALYTVTGQSWPESLIRKTGYTLESLKPCLMDLHQTYLKAPQHAQQSIREK
YKNSKYHGVSLLNPPETLNL
;
B,D
3 'polypeptide(L)' RRLIF(NH2) E,F
#
# COMPACT_ATOMS: atom_id res chain seq x y z
N MET A 1 13.09 5.52 -14.76
CA MET A 1 14.01 4.97 -15.82
C MET A 1 15.32 5.76 -15.98
N GLU A 2 15.24 7.07 -15.81
CA GLU A 2 16.40 7.93 -15.76
C GLU A 2 17.48 7.49 -14.76
N ASN A 3 17.09 6.84 -13.68
CA ASN A 3 18.09 6.33 -12.74
C ASN A 3 18.74 5.02 -13.12
N PHE A 4 18.46 4.50 -14.32
CA PHE A 4 19.00 3.20 -14.70
C PHE A 4 19.95 3.41 -15.85
N GLN A 5 21.12 2.80 -15.74
CA GLN A 5 22.06 2.85 -16.84
C GLN A 5 22.17 1.45 -17.40
N LYS A 6 21.92 1.34 -18.71
CA LYS A 6 22.02 0.07 -19.39
C LYS A 6 23.49 -0.31 -19.49
N VAL A 7 23.80 -1.55 -19.13
CA VAL A 7 25.18 -2.01 -19.20
C VAL A 7 25.38 -2.93 -20.41
N GLU A 8 24.54 -3.93 -20.57
CA GLU A 8 24.67 -4.84 -21.70
C GLU A 8 23.42 -5.70 -21.84
N LYS A 9 23.20 -6.18 -23.06
CA LYS A 9 22.12 -7.13 -23.31
C LYS A 9 22.61 -8.48 -22.78
N ILE A 10 21.74 -9.21 -22.10
CA ILE A 10 22.12 -10.48 -21.53
C ILE A 10 21.13 -11.50 -22.03
N GLY A 11 21.01 -11.58 -23.34
CA GLY A 11 20.11 -12.53 -23.96
C GLY A 11 18.71 -11.98 -24.16
N GLU A 12 17.89 -12.75 -24.84
CA GLU A 12 16.52 -12.36 -24.99
C GLU A 12 15.55 -13.46 -24.54
N GLY A 13 14.29 -13.29 -24.90
CA GLY A 13 13.24 -14.22 -24.55
C GLY A 13 11.93 -13.48 -24.69
N THR A 14 10.96 -13.95 -23.94
CA THR A 14 9.67 -13.32 -23.86
C THR A 14 9.88 -11.87 -23.41
N TYR A 15 9.04 -10.98 -23.90
CA TYR A 15 9.20 -9.56 -23.66
C TYR A 15 10.27 -8.91 -24.54
N GLY A 16 11.31 -9.65 -24.88
CA GLY A 16 12.30 -9.10 -25.79
C GLY A 16 13.70 -9.11 -25.21
N VAL A 17 14.40 -8.00 -25.41
CA VAL A 17 15.78 -7.92 -25.03
C VAL A 17 15.95 -7.58 -23.57
N VAL A 18 16.45 -8.56 -22.82
CA VAL A 18 16.77 -8.30 -21.44
C VAL A 18 18.12 -7.62 -21.34
N TYR A 19 18.21 -6.53 -20.57
CA TYR A 19 19.48 -5.84 -20.34
C TYR A 19 19.95 -5.93 -18.90
N LYS A 20 21.25 -6.06 -18.70
CA LYS A 20 21.78 -5.88 -17.38
C LYS A 20 21.83 -4.36 -17.21
N ALA A 21 21.45 -3.86 -16.04
CA ALA A 21 21.55 -2.44 -15.78
C ALA A 21 21.91 -2.19 -14.31
N ARG A 22 22.37 -0.98 -14.03
CA ARG A 22 22.76 -0.56 -12.69
C ARG A 22 22.05 0.73 -12.30
N ASN A 23 21.43 0.72 -11.14
CA ASN A 23 20.80 1.86 -10.54
C ASN A 23 21.91 2.83 -10.22
N LYS A 24 21.82 4.02 -10.80
CA LYS A 24 22.82 5.05 -10.60
C LYS A 24 22.86 5.62 -9.20
N LEU A 25 21.76 5.50 -8.45
CA LEU A 25 21.71 6.10 -7.13
C LEU A 25 22.12 5.14 -6.04
N THR A 26 21.73 3.89 -6.17
CA THR A 26 21.98 2.92 -5.11
C THR A 26 23.11 1.98 -5.40
N GLY A 27 23.49 1.89 -6.66
CA GLY A 27 24.59 1.02 -7.04
C GLY A 27 24.17 -0.37 -7.45
N GLU A 28 22.94 -0.76 -7.14
CA GLU A 28 22.35 -2.04 -7.49
C GLU A 28 22.34 -2.44 -8.97
N VAL A 29 22.68 -3.68 -9.26
CA VAL A 29 22.61 -4.23 -10.60
C VAL A 29 21.31 -5.01 -10.68
N VAL A 30 20.71 -4.89 -11.85
CA VAL A 30 19.36 -5.24 -12.12
C VAL A 30 19.30 -5.82 -13.53
N ALA A 31 18.23 -6.55 -13.77
CA ALA A 31 17.92 -7.09 -15.06
C ALA A 31 16.66 -6.40 -15.49
N LEU A 32 16.73 -5.63 -16.56
CA LEU A 32 15.58 -4.92 -17.13
C LEU A 32 14.95 -5.68 -18.30
N LYS A 33 13.65 -5.96 -18.18
CA LYS A 33 12.82 -6.53 -19.23
C LYS A 33 11.94 -5.42 -19.79
N LYS A 34 11.84 -5.32 -21.11
CA LYS A 34 11.16 -4.17 -21.71
C LYS A 34 9.98 -4.65 -22.54
N ILE A 35 8.81 -4.12 -22.27
CA ILE A 35 7.64 -4.55 -23.01
C ILE A 35 7.04 -3.38 -23.74
N ARG A 36 7.47 -3.28 -25.00
CA ARG A 36 6.95 -2.31 -25.94
C ARG A 36 5.49 -2.55 -26.14
N LEU A 37 5.02 -3.77 -25.88
CA LEU A 37 3.62 -4.11 -25.97
C LEU A 37 3.08 -3.62 -27.31
N ASP A 38 1.77 -3.37 -27.41
CA ASP A 38 1.20 -2.79 -28.62
C ASP A 38 0.17 -1.73 -28.25
N THR A 39 0.50 -0.47 -28.51
CA THR A 39 -0.31 0.66 -28.08
C THR A 39 -1.42 1.04 -29.04
N GLU A 40 -1.87 0.06 -29.82
CA GLU A 40 -2.96 0.26 -30.78
C GLU A 40 -3.76 -1.02 -31.01
N THR A 41 -3.19 -2.19 -30.67
CA THR A 41 -3.85 -3.47 -30.94
C THR A 41 -4.13 -4.30 -29.67
N GLU A 42 -3.09 -4.90 -29.07
CA GLU A 42 -3.30 -5.83 -27.98
C GLU A 42 -3.08 -5.42 -26.54
N GLY A 43 -2.28 -4.40 -26.28
CA GLY A 43 -2.08 -3.96 -24.92
C GLY A 43 -1.08 -4.82 -24.16
N VAL A 44 -1.18 -4.79 -22.83
CA VAL A 44 -0.34 -5.61 -22.02
C VAL A 44 -0.58 -7.08 -22.32
N PRO A 45 0.46 -7.84 -22.67
CA PRO A 45 0.24 -9.27 -22.93
C PRO A 45 -0.04 -10.01 -21.63
N SER A 46 -0.56 -11.22 -21.75
CA SER A 46 -0.95 -12.00 -20.61
C SER A 46 0.24 -12.51 -19.82
N THR A 47 1.38 -12.66 -20.49
CA THR A 47 2.52 -13.18 -19.86
C THR A 47 2.97 -12.27 -18.74
N ALA A 48 2.93 -10.99 -19.06
CA ALA A 48 3.26 -9.92 -18.12
C ALA A 48 2.15 -9.74 -17.09
N ILE A 49 0.90 -9.94 -17.49
CA ILE A 49 -0.20 -9.86 -16.54
C ILE A 49 0.01 -10.87 -15.45
N ARG A 50 0.48 -12.04 -15.87
CA ARG A 50 0.65 -13.16 -14.99
C ARG A 50 1.94 -13.02 -14.20
N GLU A 51 3.07 -12.90 -14.89
CA GLU A 51 4.35 -12.75 -14.24
C GLU A 51 4.33 -11.62 -13.18
N ILE A 52 3.67 -10.49 -13.46
CA ILE A 52 3.64 -9.40 -12.50
C ILE A 52 2.76 -9.66 -11.34
N SER A 53 1.54 -10.09 -11.59
CA SER A 53 0.59 -10.27 -10.51
C SER A 53 1.02 -11.37 -9.60
N LEU A 54 1.51 -12.48 -10.16
CA LEU A 54 1.90 -13.64 -9.36
C LEU A 54 3.22 -13.47 -8.62
N LEU A 55 4.24 -12.96 -9.31
CA LEU A 55 5.50 -12.65 -8.66
C LEU A 55 5.35 -11.66 -7.48
N LYS A 56 4.47 -10.66 -7.61
CA LYS A 56 4.22 -9.69 -6.54
C LYS A 56 3.72 -10.35 -5.24
N GLU A 57 3.17 -11.55 -5.35
CA GLU A 57 2.74 -12.27 -4.18
C GLU A 57 3.75 -13.31 -3.74
N LEU A 58 4.75 -13.64 -4.56
CA LEU A 58 5.71 -14.69 -4.26
C LEU A 58 7.09 -14.15 -3.87
N ASN A 59 7.25 -13.66 -2.66
CA ASN A 59 8.54 -13.20 -2.20
C ASN A 59 9.32 -14.35 -1.51
N HIS A 60 10.26 -14.97 -2.22
CA HIS A 60 10.98 -16.10 -1.65
C HIS A 60 12.43 -16.11 -2.14
N PRO A 61 13.33 -16.61 -1.30
CA PRO A 61 14.76 -16.66 -1.64
C PRO A 61 15.09 -17.41 -2.94
N ASN A 62 14.24 -18.32 -3.35
CA ASN A 62 14.41 -19.13 -4.54
C ASN A 62 13.45 -18.82 -5.65
N ILE A 63 12.83 -17.65 -5.56
CA ILE A 63 12.01 -17.09 -6.63
C ILE A 63 12.54 -15.68 -6.92
N VAL A 64 12.75 -15.38 -8.18
CA VAL A 64 13.31 -14.10 -8.55
C VAL A 64 12.43 -12.96 -8.11
N LYS A 65 13.03 -11.95 -7.47
CA LYS A 65 12.31 -10.76 -7.02
C LYS A 65 12.08 -9.79 -8.16
N LEU A 66 10.81 -9.60 -8.46
CA LEU A 66 10.36 -8.45 -9.25
C LEU A 66 10.59 -7.23 -8.37
N LEU A 67 11.55 -6.40 -8.70
CA LEU A 67 11.84 -5.31 -7.77
C LEU A 67 10.99 -4.09 -8.00
N ASP A 68 10.54 -3.93 -9.23
CA ASP A 68 9.81 -2.72 -9.58
C ASP A 68 9.15 -2.88 -10.91
N VAL A 69 8.18 -2.03 -11.16
CA VAL A 69 7.47 -2.02 -12.43
C VAL A 69 7.38 -0.55 -12.82
N ILE A 70 8.04 -0.12 -13.90
CA ILE A 70 8.01 1.30 -14.27
C ILE A 70 7.07 1.53 -15.44
N HIS A 71 6.17 2.49 -15.29
CA HIS A 71 5.14 2.81 -16.29
C HIS A 71 5.33 4.14 -17.02
N THR A 72 4.99 4.13 -18.30
CA THR A 72 5.02 5.34 -19.10
C THR A 72 3.98 5.17 -20.16
N GLU A 73 3.78 6.25 -20.92
CA GLU A 73 2.86 6.37 -22.06
C GLU A 73 2.78 5.08 -22.84
N ASN A 74 3.94 4.60 -23.29
CA ASN A 74 4.03 3.42 -24.14
C ASN A 74 5.17 2.44 -23.86
N LYS A 75 5.66 2.40 -22.63
CA LYS A 75 6.58 1.36 -22.27
C LYS A 75 6.24 0.88 -20.86
N LEU A 76 6.49 -0.38 -20.61
CA LEU A 76 6.33 -0.98 -19.32
C LEU A 76 7.69 -1.61 -19.05
N TYR A 77 8.43 -1.10 -18.06
CA TYR A 77 9.69 -1.73 -17.69
C TYR A 77 9.55 -2.54 -16.41
N LEU A 78 10.05 -3.77 -16.42
CA LEU A 78 10.09 -4.59 -15.23
C LEU A 78 11.54 -4.78 -14.74
N VAL A 79 11.73 -4.58 -13.44
CA VAL A 79 13.02 -4.57 -12.86
C VAL A 79 13.08 -5.80 -11.99
N PHE A 80 13.99 -6.70 -12.33
CA PHE A 80 14.15 -7.96 -11.60
C PHE A 80 15.51 -7.95 -10.98
N GLU A 81 15.65 -8.73 -9.92
CA GLU A 81 16.94 -9.01 -9.32
C GLU A 81 17.85 -9.62 -10.40
N PHE A 82 19.14 -9.40 -10.30
CA PHE A 82 20.04 -9.94 -11.32
C PHE A 82 20.75 -11.25 -10.95
N LEU A 83 20.75 -12.18 -11.90
CA LEU A 83 21.49 -13.42 -11.82
C LEU A 83 22.12 -13.73 -13.20
N HIS A 84 23.44 -13.88 -13.24
CA HIS A 84 24.15 -13.93 -14.52
C HIS A 84 23.92 -15.02 -15.52
N GLN A 85 23.28 -16.12 -15.15
CA GLN A 85 22.98 -17.14 -16.15
C GLN A 85 22.00 -18.20 -15.71
N ASP A 86 21.51 -18.98 -16.66
CA ASP A 86 20.51 -20.01 -16.36
C ASP A 86 21.09 -21.41 -16.36
N LEU A 87 20.32 -22.38 -15.86
CA LEU A 87 20.79 -23.76 -15.69
C LEU A 87 21.07 -24.39 -17.03
N LYS A 88 20.34 -23.99 -18.03
CA LYS A 88 20.60 -24.54 -19.33
C LYS A 88 21.99 -24.15 -19.76
N LYS A 89 22.33 -22.86 -19.62
CA LYS A 89 23.66 -22.41 -20.03
C LYS A 89 24.73 -23.06 -19.14
N PHE A 90 24.46 -23.16 -17.84
CA PHE A 90 25.41 -23.79 -16.92
C PHE A 90 25.55 -25.29 -17.18
N MET A 91 24.49 -25.98 -17.59
CA MET A 91 24.65 -27.38 -17.98
C MET A 91 25.46 -27.59 -19.25
N ASP A 92 25.21 -26.81 -20.29
CA ASP A 92 25.99 -26.92 -21.52
C ASP A 92 27.50 -26.72 -21.24
N ALA A 93 27.81 -25.98 -20.19
CA ALA A 93 29.21 -25.70 -19.95
C ALA A 93 29.79 -26.69 -18.97
N SER A 94 28.91 -27.36 -18.22
CA SER A 94 29.35 -28.36 -17.25
C SER A 94 29.32 -29.75 -17.86
N ALA A 95 29.18 -29.84 -19.17
CA ALA A 95 29.20 -31.14 -19.83
C ALA A 95 30.68 -31.43 -19.95
N LEU A 96 31.10 -32.60 -19.51
CA LEU A 96 32.52 -32.97 -19.57
C LEU A 96 32.89 -33.59 -18.25
N THR A 97 32.49 -32.87 -17.22
CA THR A 97 32.73 -33.27 -15.85
C THR A 97 31.37 -33.60 -15.26
N GLY A 98 30.42 -32.71 -15.55
CA GLY A 98 29.13 -32.74 -14.92
C GLY A 98 29.08 -31.79 -13.72
N ILE A 99 27.88 -31.35 -13.42
CA ILE A 99 27.64 -30.64 -12.19
C ILE A 99 27.92 -31.69 -11.14
N PRO A 100 28.71 -31.35 -10.13
CA PRO A 100 29.00 -32.31 -9.05
C PRO A 100 27.73 -32.66 -8.27
N LEU A 101 27.71 -33.84 -7.68
CA LEU A 101 26.48 -34.32 -7.05
C LEU A 101 25.98 -33.42 -5.97
N PRO A 102 26.86 -32.91 -5.11
CA PRO A 102 26.39 -32.07 -3.99
C PRO A 102 25.81 -30.76 -4.48
N LEU A 103 26.21 -30.28 -5.66
CA LEU A 103 25.64 -29.06 -6.16
C LEU A 103 24.24 -29.39 -6.75
N ILE A 104 24.05 -30.59 -7.30
CA ILE A 104 22.74 -31.02 -7.80
C ILE A 104 21.79 -31.14 -6.61
N LYS A 105 22.28 -31.71 -5.52
CA LYS A 105 21.49 -31.86 -4.31
C LYS A 105 21.00 -30.48 -3.85
N SER A 106 21.89 -29.50 -3.83
CA SER A 106 21.58 -28.16 -3.36
C SER A 106 20.67 -27.39 -4.29
N TYR A 107 20.89 -27.47 -5.59
CA TYR A 107 19.95 -26.91 -6.53
C TYR A 107 18.53 -27.51 -6.44
N LEU A 108 18.44 -28.82 -6.31
CA LEU A 108 17.14 -29.46 -6.23
C LEU A 108 16.40 -29.07 -4.92
N PHE A 109 17.14 -28.96 -3.83
CA PHE A 109 16.62 -28.56 -2.55
C PHE A 109 16.01 -27.16 -2.60
N GLN A 110 16.75 -26.24 -3.18
CA GLN A 110 16.29 -24.89 -3.33
C GLN A 110 15.11 -24.83 -4.30
N LEU A 111 15.18 -25.56 -5.41
CA LEU A 111 14.12 -25.50 -6.39
C LEU A 111 12.83 -26.01 -5.78
N LEU A 112 12.89 -27.10 -5.03
CA LEU A 112 11.73 -27.64 -4.33
C LEU A 112 11.21 -26.69 -3.29
N GLN A 113 12.05 -25.83 -2.77
CA GLN A 113 11.59 -24.93 -1.73
C GLN A 113 10.77 -23.85 -2.36
N GLY A 114 11.22 -23.35 -3.50
CA GLY A 114 10.56 -22.28 -4.20
C GLY A 114 9.28 -22.77 -4.79
N LEU A 115 9.31 -23.99 -5.27
CA LEU A 115 8.10 -24.56 -5.84
C LEU A 115 7.10 -24.85 -4.76
N ALA A 116 7.55 -25.15 -3.56
CA ALA A 116 6.65 -25.44 -2.43
C ALA A 116 5.94 -24.17 -2.05
N PHE A 117 6.68 -23.10 -2.13
CA PHE A 117 6.11 -21.80 -1.83
C PHE A 117 5.05 -21.39 -2.85
N CYS A 118 5.34 -21.68 -4.11
CA CYS A 118 4.41 -21.43 -5.19
C CYS A 118 3.17 -22.25 -4.99
N HIS A 119 3.33 -23.55 -4.88
CA HIS A 119 2.15 -24.39 -4.75
C HIS A 119 1.24 -24.03 -3.56
N SER A 120 1.84 -23.68 -2.43
CA SER A 120 1.07 -23.34 -1.26
C SER A 120 0.49 -21.92 -1.34
N HIS A 121 0.77 -21.21 -2.43
CA HIS A 121 0.18 -19.90 -2.66
C HIS A 121 -0.61 -19.98 -3.95
N ARG A 122 -1.10 -21.18 -4.23
CA ARG A 122 -1.94 -21.47 -5.39
C ARG A 122 -1.45 -20.93 -6.72
N VAL A 123 -0.18 -21.18 -7.02
CA VAL A 123 0.44 -20.78 -8.29
C VAL A 123 1.12 -21.98 -8.89
N LEU A 124 0.76 -22.34 -10.11
CA LEU A 124 1.45 -23.35 -10.89
C LEU A 124 2.41 -22.60 -11.72
N HIS A 125 3.63 -23.08 -11.82
CA HIS A 125 4.66 -22.41 -12.60
C HIS A 125 4.38 -22.63 -14.07
N ARG A 126 4.14 -23.89 -14.40
CA ARG A 126 3.72 -24.30 -15.76
C ARG A 126 4.77 -24.46 -16.83
N ASP A 127 5.96 -23.90 -16.64
CA ASP A 127 6.95 -23.99 -17.68
C ASP A 127 8.28 -24.26 -17.07
N LEU A 128 8.38 -25.16 -16.09
CA LEU A 128 9.66 -25.39 -15.43
C LEU A 128 10.58 -26.13 -16.37
N LYS A 129 11.76 -25.55 -16.61
CA LYS A 129 12.74 -26.12 -17.50
C LYS A 129 14.04 -25.38 -17.24
N PRO A 130 15.18 -25.91 -17.67
CA PRO A 130 16.49 -25.35 -17.27
C PRO A 130 16.74 -23.93 -17.68
N GLN A 131 16.21 -23.47 -18.81
CA GLN A 131 16.45 -22.09 -19.20
C GLN A 131 15.63 -21.12 -18.32
N ASN A 132 14.61 -21.61 -17.63
CA ASN A 132 13.84 -20.77 -16.76
C ASN A 132 14.32 -20.86 -15.31
N LEU A 133 15.50 -21.43 -15.08
CA LEU A 133 16.04 -21.44 -13.73
C LEU A 133 17.36 -20.69 -13.71
N LEU A 134 17.45 -19.68 -12.84
CA LEU A 134 18.62 -18.83 -12.81
C LEU A 134 19.53 -19.10 -11.64
N ILE A 135 20.81 -18.84 -11.86
CA ILE A 135 21.79 -19.04 -10.80
C ILE A 135 22.72 -17.89 -10.63
N ASN A 136 23.18 -17.71 -9.40
CA ASN A 136 24.21 -16.72 -9.08
C ASN A 136 25.52 -17.46 -8.90
N THR A 137 26.55 -16.74 -8.47
CA THR A 137 27.81 -17.38 -8.20
C THR A 137 27.99 -17.94 -6.81
N GLU A 138 26.98 -17.93 -5.98
CA GLU A 138 27.20 -18.39 -4.64
C GLU A 138 26.50 -19.70 -4.34
N GLY A 139 25.81 -20.27 -5.32
CA GLY A 139 25.15 -21.53 -5.09
C GLY A 139 23.65 -21.43 -4.93
N ALA A 140 23.06 -20.26 -5.18
CA ALA A 140 21.60 -20.14 -5.18
C ALA A 140 21.10 -20.40 -6.59
N ILE A 141 19.88 -20.95 -6.65
CA ILE A 141 19.15 -21.09 -7.88
C ILE A 141 17.73 -20.60 -7.65
N LYS A 142 17.14 -19.94 -8.65
CA LYS A 142 15.81 -19.38 -8.57
C LYS A 142 14.88 -19.65 -9.76
N LEU A 143 13.61 -19.88 -9.45
CA LEU A 143 12.62 -20.02 -10.49
C LEU A 143 12.44 -18.63 -11.10
N ALA A 144 12.56 -18.57 -12.42
CA ALA A 144 12.26 -17.36 -13.20
C ALA A 144 11.17 -17.60 -14.24
N ASP A 145 10.86 -16.54 -14.99
CA ASP A 145 9.93 -16.60 -16.10
C ASP A 145 8.58 -17.22 -15.77
N PHE A 146 7.79 -16.44 -15.03
CA PHE A 146 6.43 -16.78 -14.65
C PHE A 146 5.35 -16.36 -15.65
N GLY A 147 5.75 -16.09 -16.89
CA GLY A 147 4.82 -15.73 -17.94
C GLY A 147 3.65 -16.66 -18.20
N LEU A 148 3.85 -17.97 -18.01
CA LEU A 148 2.79 -18.94 -18.18
C LEU A 148 2.22 -19.40 -16.86
N ALA A 149 2.66 -18.84 -15.76
CA ALA A 149 2.17 -19.26 -14.48
C ALA A 149 0.75 -18.81 -14.32
N ARG A 150 -0.04 -19.61 -13.60
CA ARG A 150 -1.48 -19.37 -13.49
C ARG A 150 -1.93 -19.65 -12.06
N ALA A 151 -2.85 -18.87 -11.53
CA ALA A 151 -3.48 -19.14 -10.23
C ALA A 151 -4.44 -20.34 -10.29
N PHE A 152 -4.48 -21.21 -9.28
CA PHE A 152 -5.38 -22.35 -9.26
C PHE A 152 -6.45 -22.39 -8.18
N GLY A 153 -6.95 -21.24 -7.78
CA GLY A 153 -8.10 -21.20 -6.89
C GLY A 153 -9.28 -21.96 -7.49
N VAL A 154 -9.29 -22.03 -8.81
CA VAL A 154 -10.17 -22.95 -9.51
C VAL A 154 -9.20 -23.66 -10.42
N PRO A 155 -9.38 -24.94 -10.64
CA PRO A 155 -8.47 -25.72 -11.49
C PRO A 155 -8.21 -25.12 -12.84
N VAL A 156 -6.97 -25.27 -13.30
CA VAL A 156 -6.52 -24.72 -14.57
C VAL A 156 -6.77 -25.58 -15.79
N ARG A 157 -7.67 -25.11 -16.63
CA ARG A 157 -8.03 -25.72 -17.91
C ARG A 157 -6.83 -25.75 -18.80
N THR A 158 -6.49 -26.91 -19.35
CA THR A 158 -5.28 -27.02 -20.16
C THR A 158 -5.43 -26.51 -21.57
N TYR A 159 -4.30 -26.18 -22.16
CA TYR A 159 -4.24 -25.90 -23.57
C TYR A 159 -4.58 -27.21 -24.24
N THR A 160 -5.26 -27.13 -25.38
CA THR A 160 -5.49 -28.30 -26.18
C THR A 160 -4.22 -28.67 -26.94
N HIS A 161 -3.54 -27.68 -27.51
CA HIS A 161 -2.30 -27.88 -28.23
C HIS A 161 -1.25 -27.24 -27.33
N GLU A 162 -0.59 -28.07 -26.56
CA GLU A 162 0.31 -27.58 -25.55
C GLU A 162 1.52 -26.84 -26.16
N VAL A 163 1.99 -25.85 -25.42
CA VAL A 163 3.04 -24.94 -25.85
C VAL A 163 4.34 -25.06 -25.05
N VAL A 164 4.24 -25.65 -23.88
CA VAL A 164 5.25 -25.49 -22.84
C VAL A 164 6.71 -25.87 -23.09
N THR A 165 6.88 -27.08 -23.62
CA THR A 165 8.10 -27.65 -24.15
C THR A 165 8.14 -29.17 -23.93
N LEU A 166 8.17 -29.86 -25.04
CA LEU A 166 7.96 -31.27 -25.06
C LEU A 166 8.68 -32.10 -24.00
N TRP A 167 9.99 -31.94 -23.82
CA TRP A 167 10.75 -32.85 -22.96
C TRP A 167 10.43 -32.87 -21.45
N TYR A 168 9.72 -31.87 -20.99
CA TYR A 168 9.42 -31.75 -19.60
C TYR A 168 7.97 -31.86 -19.27
N ARG A 169 7.17 -32.31 -20.23
CA ARG A 169 5.73 -32.41 -20.00
C ARG A 169 5.35 -33.74 -19.32
N ALA A 170 4.43 -33.67 -18.39
CA ALA A 170 3.91 -34.84 -17.69
C ALA A 170 3.03 -35.71 -18.59
N PRO A 171 3.04 -37.00 -18.34
CA PRO A 171 2.30 -37.90 -19.18
C PRO A 171 0.81 -37.56 -19.18
N GLU A 172 0.26 -37.00 -18.10
CA GLU A 172 -1.12 -36.57 -18.11
C GLU A 172 -1.37 -35.45 -19.09
N ILE A 173 -0.38 -34.62 -19.33
CA ILE A 173 -0.61 -33.60 -20.34
C ILE A 173 -0.53 -34.29 -21.70
N LEU A 174 0.46 -35.16 -21.87
CA LEU A 174 0.59 -35.91 -23.09
C LEU A 174 -0.63 -36.76 -23.39
N LEU A 175 -1.39 -37.10 -22.37
CA LEU A 175 -2.62 -37.87 -22.52
C LEU A 175 -3.89 -37.03 -22.55
N GLY A 176 -3.73 -35.72 -22.73
CA GLY A 176 -4.86 -34.81 -22.84
C GLY A 176 -5.69 -34.49 -21.62
N CYS A 177 -5.11 -34.51 -20.44
CA CYS A 177 -5.86 -34.15 -19.25
C CYS A 177 -6.45 -32.76 -19.38
N LYS A 178 -7.54 -32.57 -18.65
CA LYS A 178 -8.37 -31.43 -18.82
C LYS A 178 -7.85 -30.26 -17.98
N TYR A 179 -7.35 -30.57 -16.80
CA TYR A 179 -6.78 -29.61 -15.92
C TYR A 179 -5.34 -30.03 -15.56
N TYR A 180 -4.53 -29.01 -15.25
CA TYR A 180 -3.21 -29.29 -14.74
C TYR A 180 -3.41 -29.43 -13.22
N SER A 181 -2.33 -29.83 -12.57
CA SER A 181 -2.24 -29.93 -11.13
C SER A 181 -0.79 -29.66 -10.70
N THR A 182 -0.56 -29.45 -9.41
CA THR A 182 0.79 -29.16 -8.94
C THR A 182 1.79 -30.19 -9.41
N ALA A 183 1.29 -31.39 -9.65
CA ALA A 183 2.12 -32.48 -10.09
C ALA A 183 2.92 -32.25 -11.38
N VAL A 184 2.44 -31.41 -12.27
CA VAL A 184 3.10 -31.23 -13.54
C VAL A 184 4.40 -30.46 -13.33
N ASP A 185 4.44 -29.62 -12.32
CA ASP A 185 5.66 -28.93 -11.99
C ASP A 185 6.68 -29.92 -11.41
N ILE A 186 6.21 -30.85 -10.59
CA ILE A 186 7.06 -31.87 -10.01
C ILE A 186 7.74 -32.74 -11.06
N TRP A 187 6.96 -33.18 -12.06
CA TRP A 187 7.46 -33.98 -13.17
C TRP A 187 8.57 -33.28 -13.91
N SER A 188 8.36 -32.02 -14.23
CA SER A 188 9.38 -31.20 -14.86
C SER A 188 10.67 -31.21 -14.07
N LEU A 189 10.55 -30.98 -12.77
CA LEU A 189 11.68 -30.88 -11.87
C LEU A 189 12.44 -32.14 -11.80
N GLY A 190 11.73 -33.25 -11.74
CA GLY A 190 12.37 -34.56 -11.71
C GLY A 190 13.11 -34.87 -12.99
N CYS A 191 12.54 -34.46 -14.12
CA CYS A 191 13.23 -34.59 -15.40
C CYS A 191 14.47 -33.73 -15.41
N ILE A 192 14.36 -32.57 -14.77
CA ILE A 192 15.48 -31.65 -14.64
C ILE A 192 16.55 -32.20 -13.73
N PHE A 193 16.14 -32.89 -12.67
CA PHE A 193 17.02 -33.52 -11.69
C PHE A 193 17.79 -34.63 -12.36
N ALA A 194 17.11 -35.38 -13.20
CA ALA A 194 17.78 -36.41 -13.96
C ALA A 194 18.80 -35.84 -14.90
N GLU A 195 18.43 -34.80 -15.63
CA GLU A 195 19.27 -34.18 -16.67
C GLU A 195 20.56 -33.65 -16.11
N MET A 196 20.53 -33.17 -14.87
CA MET A 196 21.72 -32.65 -14.23
C MET A 196 22.59 -33.84 -13.87
N VAL A 197 21.98 -34.94 -13.44
CA VAL A 197 22.77 -36.09 -13.03
C VAL A 197 23.46 -36.76 -14.22
N THR A 198 22.69 -37.07 -15.25
CA THR A 198 23.24 -37.88 -16.35
C THR A 198 23.80 -37.07 -17.51
N ARG A 199 23.54 -35.78 -17.49
CA ARG A 199 23.98 -34.90 -18.56
C ARG A 199 23.20 -34.94 -19.87
N ARG A 200 22.15 -35.75 -19.96
CA ARG A 200 21.32 -35.84 -21.17
C ARG A 200 19.88 -35.53 -20.78
N ALA A 201 19.00 -35.38 -21.75
CA ALA A 201 17.61 -35.16 -21.39
C ALA A 201 17.01 -36.50 -21.00
N LEU A 202 16.10 -36.52 -20.02
CA LEU A 202 15.55 -37.77 -19.54
C LEU A 202 14.72 -38.44 -20.60
N PHE A 203 13.86 -37.67 -21.23
CA PHE A 203 12.95 -38.16 -22.25
C PHE A 203 12.98 -37.14 -23.41
N PRO A 204 13.97 -37.23 -24.29
CA PRO A 204 14.06 -36.29 -25.42
C PRO A 204 13.27 -36.77 -26.65
N GLY A 205 11.96 -36.62 -26.57
CA GLY A 205 11.12 -37.00 -27.69
C GLY A 205 11.27 -36.14 -28.91
N ASP A 206 10.69 -36.59 -30.02
CA ASP A 206 10.75 -35.87 -31.27
C ASP A 206 9.38 -35.56 -31.78
N SER A 207 8.37 -35.96 -31.01
CA SER A 207 6.98 -35.68 -31.29
C SER A 207 6.22 -36.06 -30.03
N GLU A 208 5.01 -35.56 -29.93
CA GLU A 208 4.18 -35.85 -28.81
C GLU A 208 4.03 -37.33 -28.55
N ILE A 209 3.88 -38.12 -29.60
CA ILE A 209 3.69 -39.53 -29.37
C ILE A 209 4.98 -40.25 -29.05
N ASP A 210 6.08 -39.73 -29.57
CA ASP A 210 7.37 -40.33 -29.28
C ASP A 210 7.79 -40.05 -27.84
N GLN A 211 7.38 -38.89 -27.35
CA GLN A 211 7.63 -38.50 -25.99
C GLN A 211 6.95 -39.43 -25.01
N LEU A 212 5.72 -39.79 -25.35
CA LEU A 212 4.88 -40.65 -24.51
C LEU A 212 5.60 -41.96 -24.47
N PHE A 213 6.01 -42.41 -25.63
CA PHE A 213 6.58 -43.74 -25.71
C PHE A 213 7.95 -43.77 -25.10
N ARG A 214 8.72 -42.70 -25.17
CA ARG A 214 10.02 -42.71 -24.50
C ARG A 214 9.85 -42.86 -22.98
N ILE A 215 8.82 -42.21 -22.47
CA ILE A 215 8.41 -42.37 -21.08
C ILE A 215 7.94 -43.82 -20.80
N PHE A 216 7.06 -44.36 -21.62
CA PHE A 216 6.50 -45.71 -21.42
C PHE A 216 7.56 -46.78 -21.48
N ARG A 217 8.54 -46.57 -22.35
CA ARG A 217 9.66 -47.48 -22.52
C ARG A 217 10.61 -47.51 -21.35
N THR A 218 10.78 -46.38 -20.67
CA THR A 218 11.69 -46.30 -19.55
C THR A 218 11.06 -46.74 -18.23
N LEU A 219 9.85 -46.27 -17.93
CA LEU A 219 9.18 -46.49 -16.64
C LEU A 219 8.09 -47.58 -16.74
N GLY A 220 7.90 -48.11 -17.94
CA GLY A 220 6.89 -49.11 -18.17
C GLY A 220 5.55 -48.53 -18.57
N THR A 221 4.84 -49.20 -19.46
CA THR A 221 3.54 -48.74 -19.83
C THR A 221 2.62 -48.78 -18.63
N PRO A 222 1.98 -47.66 -18.38
CA PRO A 222 1.13 -47.57 -17.22
C PRO A 222 -0.19 -48.32 -17.42
N ASP A 223 -0.86 -48.66 -16.32
CA ASP A 223 -2.11 -49.38 -16.39
C ASP A 223 -2.92 -48.98 -15.18
N GLU A 224 -4.18 -49.40 -15.15
CA GLU A 224 -5.16 -48.99 -14.16
C GLU A 224 -4.75 -49.17 -12.72
N VAL A 225 -3.86 -50.12 -12.48
CA VAL A 225 -3.39 -50.40 -11.16
C VAL A 225 -2.39 -49.30 -10.78
N VAL A 226 -1.40 -49.14 -11.63
CA VAL A 226 -0.43 -48.08 -11.45
C VAL A 226 -1.16 -46.71 -11.46
N TRP A 227 -2.01 -46.52 -12.47
CA TRP A 227 -2.63 -45.22 -12.72
C TRP A 227 -4.13 -45.31 -12.94
N PRO A 228 -4.90 -45.42 -11.89
CA PRO A 228 -6.35 -45.41 -12.01
C PRO A 228 -6.82 -44.27 -12.89
N GLY A 229 -7.60 -44.60 -13.92
CA GLY A 229 -8.05 -43.64 -14.89
C GLY A 229 -7.34 -43.59 -16.20
N VAL A 230 -6.09 -44.08 -16.28
CA VAL A 230 -5.36 -43.96 -17.53
C VAL A 230 -6.18 -44.29 -18.75
N THR A 231 -6.69 -45.53 -18.80
CA THR A 231 -7.45 -46.00 -19.97
C THR A 231 -8.60 -45.07 -20.35
N SER A 232 -8.99 -44.20 -19.44
CA SER A 232 -10.07 -43.25 -19.66
C SER A 232 -9.58 -41.84 -20.00
N MET A 233 -8.28 -41.58 -19.89
CA MET A 233 -7.72 -40.27 -20.25
C MET A 233 -8.01 -40.05 -21.76
N PRO A 234 -8.33 -38.81 -22.14
CA PRO A 234 -8.74 -38.46 -23.51
C PRO A 234 -7.94 -38.98 -24.69
N ASP A 235 -6.62 -39.02 -24.59
CA ASP A 235 -5.80 -39.42 -25.70
C ASP A 235 -5.20 -40.80 -25.55
N TYR A 236 -5.66 -41.54 -24.54
CA TYR A 236 -5.20 -42.92 -24.36
C TYR A 236 -5.76 -43.80 -25.47
N LYS A 237 -4.98 -44.79 -25.84
CA LYS A 237 -5.38 -45.71 -26.88
C LYS A 237 -5.08 -47.13 -26.44
N PRO A 238 -5.98 -48.05 -26.72
CA PRO A 238 -5.74 -49.45 -26.35
C PRO A 238 -4.57 -50.06 -27.11
N SER A 239 -4.25 -49.52 -28.27
CA SER A 239 -3.18 -50.05 -29.08
C SER A 239 -1.76 -49.72 -28.59
N PHE A 240 -1.63 -48.94 -27.50
CA PHE A 240 -0.31 -48.56 -27.01
C PHE A 240 0.48 -49.81 -26.58
N PRO A 241 1.76 -49.89 -26.96
CA PRO A 241 2.58 -51.03 -26.55
C PRO A 241 2.71 -51.15 -25.06
N LYS A 242 2.66 -52.38 -24.57
CA LYS A 242 2.85 -52.64 -23.14
C LYS A 242 4.32 -52.97 -22.91
N TRP A 243 5.13 -51.95 -22.64
CA TRP A 243 6.50 -52.16 -22.25
C TRP A 243 6.64 -52.48 -20.76
N ALA A 244 7.64 -53.25 -20.40
CA ALA A 244 7.92 -53.51 -19.00
C ALA A 244 9.00 -52.50 -18.59
N ARG A 245 8.87 -51.97 -17.40
CA ARG A 245 9.78 -50.97 -16.85
C ARG A 245 11.21 -51.47 -16.81
N GLN A 246 12.12 -50.84 -17.52
CA GLN A 246 13.52 -51.17 -17.34
C GLN A 246 14.05 -50.83 -15.97
N ASP A 247 15.30 -51.19 -15.71
CA ASP A 247 15.87 -50.89 -14.41
C ASP A 247 16.23 -49.45 -14.32
N PHE A 248 15.79 -48.85 -13.21
CA PHE A 248 15.99 -47.45 -12.99
C PHE A 248 17.41 -47.14 -12.61
N SER A 249 18.12 -48.14 -12.09
CA SER A 249 19.53 -48.03 -11.72
C SER A 249 20.38 -47.64 -12.92
N LYS A 250 20.09 -48.24 -14.07
CA LYS A 250 20.85 -47.96 -15.27
C LYS A 250 20.39 -46.65 -15.93
N VAL A 251 19.21 -46.18 -15.53
CA VAL A 251 18.65 -44.96 -16.09
C VAL A 251 19.32 -43.72 -15.49
N VAL A 252 19.62 -43.74 -14.19
CA VAL A 252 20.35 -42.67 -13.48
C VAL A 252 21.52 -43.19 -12.68
N PRO A 253 22.55 -43.68 -13.38
CA PRO A 253 23.67 -44.36 -12.73
C PRO A 253 24.30 -43.75 -11.49
N PRO A 254 24.61 -42.47 -11.52
CA PRO A 254 25.33 -41.87 -10.40
C PRO A 254 24.54 -41.74 -9.12
N LEU A 255 23.22 -41.93 -9.17
CA LEU A 255 22.36 -41.73 -8.00
C LEU A 255 22.36 -42.97 -7.08
N ASP A 256 22.59 -42.71 -5.80
CA ASP A 256 22.50 -43.72 -4.76
C ASP A 256 21.04 -44.09 -4.58
N GLU A 257 20.76 -45.08 -3.75
CA GLU A 257 19.41 -45.54 -3.56
C GLU A 257 18.47 -44.41 -3.15
N ASP A 258 18.93 -43.53 -2.26
CA ASP A 258 18.13 -42.38 -1.82
C ASP A 258 17.75 -41.45 -2.96
N GLY A 259 18.70 -41.12 -3.81
CA GLY A 259 18.35 -40.33 -4.99
C GLY A 259 17.36 -40.99 -5.95
N ARG A 260 17.52 -42.28 -6.14
CA ARG A 260 16.62 -43.02 -7.03
C ARG A 260 15.23 -43.05 -6.46
N SER A 261 15.16 -43.11 -5.14
CA SER A 261 13.90 -43.18 -4.47
C SER A 261 13.15 -41.90 -4.72
N LEU A 262 13.81 -40.79 -4.43
CA LEU A 262 13.21 -39.50 -4.65
C LEU A 262 12.87 -39.30 -6.13
N LEU A 263 13.75 -39.63 -7.03
CA LEU A 263 13.43 -39.42 -8.45
C LEU A 263 12.21 -40.21 -8.92
N SER A 264 12.09 -41.45 -8.49
CA SER A 264 10.98 -42.27 -8.95
C SER A 264 9.65 -41.83 -8.36
N GLN A 265 9.69 -41.16 -7.22
CA GLN A 265 8.46 -40.61 -6.64
C GLN A 265 8.05 -39.30 -7.34
N MET A 266 9.04 -38.54 -7.83
CA MET A 266 8.74 -37.33 -8.57
C MET A 266 8.25 -37.68 -9.95
N LEU A 267 8.56 -38.88 -10.45
CA LEU A 267 8.04 -39.37 -11.73
C LEU A 267 6.96 -40.45 -11.62
N HIS A 268 6.18 -40.47 -10.54
CA HIS A 268 5.03 -41.41 -10.49
C HIS A 268 4.03 -41.04 -11.61
N TYR A 269 3.47 -42.03 -12.26
CA TYR A 269 2.53 -41.82 -13.35
C TYR A 269 1.23 -41.18 -12.89
N ASP A 270 0.65 -41.60 -11.78
CA ASP A 270 -0.60 -41.00 -11.33
C ASP A 270 -0.36 -39.70 -10.59
N PRO A 271 -0.90 -38.59 -11.10
CA PRO A 271 -0.69 -37.25 -10.55
C PRO A 271 -0.99 -37.11 -9.08
N ASN A 272 -2.08 -37.68 -8.60
CA ASN A 272 -2.42 -37.65 -7.19
C ASN A 272 -1.46 -38.39 -6.29
N LYS A 273 -0.64 -39.28 -6.85
CA LYS A 273 0.33 -40.01 -6.07
C LYS A 273 1.75 -39.45 -6.20
N ARG A 274 2.06 -38.82 -7.31
CA ARG A 274 3.33 -38.09 -7.48
C ARG A 274 3.68 -37.32 -6.20
N ILE A 275 4.90 -37.45 -5.68
CA ILE A 275 5.25 -36.73 -4.46
C ILE A 275 5.12 -35.22 -4.66
N SER A 276 4.68 -34.50 -3.65
CA SER A 276 4.65 -33.07 -3.72
C SER A 276 6.02 -32.46 -3.35
N ALA A 277 6.14 -31.16 -3.58
CA ALA A 277 7.35 -30.44 -3.27
C ALA A 277 7.59 -30.42 -1.76
N LYS A 278 6.53 -30.17 -1.03
CA LYS A 278 6.55 -30.15 0.43
C LYS A 278 7.11 -31.50 1.00
N ALA A 279 6.58 -32.64 0.60
CA ALA A 279 7.09 -33.90 1.12
C ALA A 279 8.48 -34.25 0.64
N ALA A 280 8.79 -33.92 -0.60
CA ALA A 280 10.07 -34.18 -1.18
C ALA A 280 11.17 -33.62 -0.33
N LEU A 281 10.87 -32.53 0.36
CA LEU A 281 11.86 -31.83 1.14
C LEU A 281 12.27 -32.60 2.38
N ALA A 282 11.47 -33.59 2.76
CA ALA A 282 11.75 -34.31 3.99
C ALA A 282 12.44 -35.61 3.59
N HIS A 283 12.60 -35.81 2.28
CA HIS A 283 13.23 -37.02 1.81
C HIS A 283 14.67 -37.14 2.34
N PRO A 284 15.09 -38.35 2.68
CA PRO A 284 16.44 -38.60 3.16
C PRO A 284 17.58 -38.16 2.24
N PHE A 285 17.30 -38.09 0.95
CA PHE A 285 18.28 -37.61 0.00
C PHE A 285 18.84 -36.24 0.37
N PHE A 286 18.12 -35.48 1.20
CA PHE A 286 18.53 -34.15 1.58
C PHE A 286 19.13 -33.98 2.98
N GLN A 287 19.42 -35.06 3.68
CA GLN A 287 20.00 -34.92 5.02
C GLN A 287 21.42 -34.40 5.00
N ASP A 288 22.20 -34.69 3.96
CA ASP A 288 23.55 -34.16 3.93
C ASP A 288 23.67 -32.89 3.08
N VAL A 289 22.55 -32.21 2.80
CA VAL A 289 22.63 -31.05 1.93
C VAL A 289 23.48 -29.89 2.43
N THR A 290 24.20 -29.28 1.52
CA THR A 290 24.96 -28.06 1.83
C THR A 290 24.71 -27.03 0.74
N LYS A 291 25.46 -25.95 0.76
CA LYS A 291 25.37 -24.92 -0.29
C LYS A 291 26.72 -24.66 -0.96
N PRO A 292 27.22 -25.58 -1.77
CA PRO A 292 28.51 -25.34 -2.41
C PRO A 292 28.38 -24.27 -3.46
N VAL A 293 29.51 -23.75 -3.91
CA VAL A 293 29.48 -22.74 -4.97
C VAL A 293 29.86 -23.39 -6.28
N PRO A 294 29.15 -22.99 -7.31
CA PRO A 294 29.42 -23.50 -8.66
C PRO A 294 30.67 -22.85 -9.21
N HIS A 295 31.34 -23.52 -10.14
CA HIS A 295 32.46 -22.89 -10.81
C HIS A 295 31.95 -22.57 -12.19
N LEU A 296 31.66 -23.48 -12.94
N VAL B 3 -2.81 -31.93 -5.56
CA VAL B 3 -2.21 -32.58 -4.35
C VAL B 3 -2.65 -31.82 -3.09
N PRO B 4 -3.84 -32.16 -2.59
CA PRO B 4 -4.33 -31.59 -1.35
C PRO B 4 -3.42 -31.63 -0.11
N ASP B 5 -2.11 -31.50 -0.29
CA ASP B 5 -1.23 -31.20 0.84
C ASP B 5 -1.23 -29.69 0.92
N TYR B 6 -1.79 -29.07 -0.12
CA TYR B 6 -1.94 -27.62 -0.19
C TYR B 6 -3.38 -27.18 -0.09
N HIS B 7 -4.32 -28.12 -0.16
CA HIS B 7 -5.74 -27.76 -0.04
C HIS B 7 -5.99 -26.86 1.15
N GLU B 8 -5.41 -27.20 2.29
CA GLU B 8 -5.45 -26.40 3.52
C GLU B 8 -4.84 -25.02 3.30
N ASP B 9 -3.57 -25.03 2.91
CA ASP B 9 -2.80 -23.79 2.72
C ASP B 9 -3.43 -22.86 1.72
N ILE B 10 -3.93 -23.45 0.63
CA ILE B 10 -4.61 -22.64 -0.38
C ILE B 10 -5.83 -21.98 0.23
N HIS B 11 -6.68 -22.78 0.85
CA HIS B 11 -7.85 -22.18 1.48
C HIS B 11 -7.43 -21.12 2.50
N THR B 12 -6.37 -21.40 3.26
CA THR B 12 -5.89 -20.46 4.26
C THR B 12 -5.33 -19.23 3.61
N TYR B 13 -4.59 -19.42 2.52
CA TYR B 13 -4.00 -18.29 1.81
C TYR B 13 -5.05 -17.42 1.09
N LEU B 14 -6.07 -18.04 0.48
CA LEU B 14 -7.15 -17.32 -0.16
C LEU B 14 -7.93 -16.56 0.88
N ARG B 15 -8.06 -17.12 2.08
CA ARG B 15 -8.72 -16.34 3.11
C ARG B 15 -7.88 -15.15 3.48
N GLU B 16 -6.57 -15.28 3.44
CA GLU B 16 -5.69 -14.12 3.71
C GLU B 16 -5.79 -13.07 2.59
N MET B 17 -5.92 -13.52 1.33
CA MET B 17 -5.92 -12.58 0.22
C MET B 17 -7.26 -11.93 -0.08
N GLU B 18 -8.35 -12.56 0.34
CA GLU B 18 -9.65 -11.97 0.11
C GLU B 18 -9.81 -10.67 0.94
N VAL B 19 -9.19 -10.58 2.10
CA VAL B 19 -9.25 -9.33 2.88
C VAL B 19 -8.43 -8.23 2.22
N LYS B 20 -7.34 -8.62 1.56
CA LYS B 20 -6.50 -7.65 0.86
C LYS B 20 -7.08 -7.21 -0.50
N CYS B 21 -8.00 -7.96 -1.08
CA CYS B 21 -8.57 -7.62 -2.40
C CYS B 21 -10.00 -7.12 -2.22
N LYS B 22 -10.29 -6.60 -1.05
CA LYS B 22 -11.62 -6.14 -0.72
C LYS B 22 -11.73 -4.67 -1.17
N PRO B 23 -12.88 -4.23 -1.66
CA PRO B 23 -13.08 -2.82 -2.02
C PRO B 23 -13.69 -2.02 -0.88
N LYS B 24 -13.64 -0.70 -0.98
CA LYS B 24 -14.25 0.18 0.01
C LYS B 24 -15.75 -0.05 0.05
N VAL B 25 -16.30 -0.50 1.18
CA VAL B 25 -17.75 -0.76 1.23
C VAL B 25 -18.55 0.43 0.82
N GLY B 26 -18.22 1.56 1.42
CA GLY B 26 -18.99 2.78 1.16
C GLY B 26 -19.03 3.29 -0.28
N TYR B 27 -17.94 3.09 -0.99
CA TYR B 27 -17.65 3.65 -2.31
C TYR B 27 -18.77 4.20 -3.17
N MET B 28 -19.89 3.49 -3.30
CA MET B 28 -20.90 3.99 -4.20
C MET B 28 -21.46 5.32 -3.72
N LYS B 29 -21.47 5.50 -2.40
CA LYS B 29 -21.92 6.73 -1.74
C LYS B 29 -21.11 7.93 -2.16
N LYS B 30 -19.80 7.75 -2.19
CA LYS B 30 -18.85 8.82 -2.50
C LYS B 30 -18.56 8.87 -4.00
N GLN B 31 -19.51 8.43 -4.80
CA GLN B 31 -19.32 8.45 -6.24
C GLN B 31 -20.43 9.39 -6.80
N PRO B 32 -20.06 10.57 -7.25
CA PRO B 32 -21.07 11.57 -7.54
C PRO B 32 -21.91 11.36 -8.76
N ASP B 33 -21.57 10.46 -9.65
CA ASP B 33 -22.36 10.30 -10.84
C ASP B 33 -22.89 8.89 -11.06
N ILE B 34 -22.27 7.90 -10.47
CA ILE B 34 -22.67 6.52 -10.71
C ILE B 34 -23.37 6.04 -9.45
N THR B 35 -24.10 4.96 -9.62
CA THR B 35 -24.94 4.42 -8.57
C THR B 35 -25.01 2.91 -8.73
N ASN B 36 -25.49 2.24 -7.69
CA ASN B 36 -25.64 0.78 -7.65
C ASN B 36 -26.39 0.16 -8.84
N SER B 37 -27.46 0.82 -9.24
CA SER B 37 -28.35 0.37 -10.29
C SER B 37 -27.61 0.38 -11.61
N MET B 38 -26.73 1.34 -11.79
CA MET B 38 -25.93 1.35 -13.00
C MET B 38 -24.82 0.29 -12.91
N ARG B 39 -24.25 0.13 -11.74
CA ARG B 39 -23.32 -0.96 -11.54
C ARG B 39 -24.04 -2.25 -11.87
N ALA B 40 -25.31 -2.32 -11.53
CA ALA B 40 -26.09 -3.53 -11.80
C ALA B 40 -26.20 -3.83 -13.26
N ILE B 41 -26.53 -2.82 -14.06
CA ILE B 41 -26.61 -2.97 -15.52
C ILE B 41 -25.25 -3.38 -16.12
N LEU B 42 -24.17 -2.84 -15.62
CA LEU B 42 -22.87 -3.16 -16.18
C LEU B 42 -22.48 -4.60 -15.94
N VAL B 43 -22.66 -5.08 -14.71
CA VAL B 43 -22.33 -6.47 -14.39
C VAL B 43 -23.24 -7.43 -15.14
N ASP B 44 -24.49 -7.06 -15.27
CA ASP B 44 -25.40 -7.92 -16.00
C ASP B 44 -24.93 -7.98 -17.42
N TRP B 45 -24.43 -6.86 -17.90
CA TRP B 45 -23.94 -6.87 -19.27
C TRP B 45 -22.71 -7.76 -19.38
N LEU B 46 -21.82 -7.73 -18.39
CA LEU B 46 -20.61 -8.53 -18.51
C LEU B 46 -20.96 -10.02 -18.48
N VAL B 47 -22.04 -10.38 -17.82
CA VAL B 47 -22.52 -11.74 -17.82
C VAL B 47 -22.83 -12.17 -19.24
N GLU B 48 -23.33 -11.27 -20.05
CA GLU B 48 -23.62 -11.71 -21.40
C GLU B 48 -22.44 -11.66 -22.34
N VAL B 49 -21.56 -10.69 -22.16
CA VAL B 49 -20.33 -10.61 -22.94
C VAL B 49 -19.61 -11.92 -22.70
N GLY B 50 -19.64 -12.38 -21.45
CA GLY B 50 -19.12 -13.71 -21.16
C GLY B 50 -19.74 -14.86 -21.96
N GLU B 51 -21.05 -14.86 -22.15
CA GLU B 51 -21.72 -15.89 -22.89
C GLU B 51 -21.41 -15.81 -24.34
N GLU B 52 -21.44 -14.60 -24.86
CA GLU B 52 -21.11 -14.35 -26.25
C GLU B 52 -19.75 -14.94 -26.58
N TYR B 53 -18.75 -14.79 -25.71
CA TYR B 53 -17.42 -15.30 -26.04
C TYR B 53 -17.01 -16.58 -25.34
N LYS B 54 -18.01 -17.20 -24.70
CA LYS B 54 -17.88 -18.47 -24.04
C LYS B 54 -16.69 -18.45 -23.13
N LEU B 55 -16.75 -17.53 -22.16
CA LEU B 55 -15.70 -17.32 -21.18
C LEU B 55 -16.06 -18.04 -19.89
N GLN B 56 -15.03 -18.28 -19.09
CA GLN B 56 -15.18 -18.94 -17.82
C GLN B 56 -15.91 -18.00 -16.86
N ASN B 57 -16.69 -18.59 -15.96
CA ASN B 57 -17.36 -17.81 -14.94
C ASN B 57 -16.36 -17.10 -14.05
N GLU B 58 -15.21 -17.70 -13.83
CA GLU B 58 -14.16 -17.07 -13.03
C GLU B 58 -13.70 -15.71 -13.60
N THR B 59 -13.57 -15.64 -14.92
CA THR B 59 -13.20 -14.43 -15.59
C THR B 59 -14.19 -13.33 -15.27
N LEU B 60 -15.47 -13.67 -15.29
CA LEU B 60 -16.57 -12.78 -14.93
C LEU B 60 -16.51 -12.36 -13.45
N HIS B 61 -16.23 -13.29 -12.56
CA HIS B 61 -16.05 -12.88 -11.18
C HIS B 61 -14.87 -11.93 -11.02
N LEU B 62 -13.73 -12.23 -11.63
CA LEU B 62 -12.52 -11.43 -11.52
C LEU B 62 -12.68 -9.99 -11.99
N ALA B 63 -13.43 -9.82 -13.08
CA ALA B 63 -13.73 -8.50 -13.63
C ALA B 63 -14.55 -7.66 -12.73
N VAL B 64 -15.45 -8.27 -11.96
CA VAL B 64 -16.25 -7.50 -11.02
C VAL B 64 -15.37 -6.99 -9.87
N ASN B 65 -14.56 -7.86 -9.30
CA ASN B 65 -13.61 -7.44 -8.27
C ASN B 65 -12.77 -6.24 -8.69
N TYR B 66 -12.28 -6.26 -9.92
CA TYR B 66 -11.41 -5.19 -10.43
C TYR B 66 -12.20 -3.89 -10.51
N ILE B 67 -13.41 -4.01 -11.01
CA ILE B 67 -14.26 -2.85 -11.19
C ILE B 67 -14.54 -2.17 -9.88
N ASP B 68 -14.93 -2.94 -8.86
CA ASP B 68 -15.20 -2.36 -7.53
C ASP B 68 -13.98 -1.75 -6.92
N ARG B 69 -12.87 -2.46 -6.97
CA ARG B 69 -11.64 -1.91 -6.41
C ARG B 69 -11.23 -0.63 -7.12
N PHE B 70 -11.65 -0.49 -8.38
CA PHE B 70 -11.23 0.65 -9.20
C PHE B 70 -12.08 1.88 -8.92
N LEU B 71 -13.40 1.68 -8.74
CA LEU B 71 -14.32 2.75 -8.41
C LEU B 71 -14.13 3.14 -6.92
N SER B 72 -13.44 2.29 -6.18
CA SER B 72 -13.13 2.61 -4.80
C SER B 72 -12.13 3.74 -4.70
N SER B 73 -11.24 3.89 -5.69
CA SER B 73 -10.29 4.99 -5.66
C SER B 73 -10.48 6.08 -6.69
N MET B 74 -11.21 5.78 -7.76
CA MET B 74 -11.38 6.67 -8.89
C MET B 74 -12.83 7.06 -9.13
N SER B 75 -13.12 8.34 -9.28
CA SER B 75 -14.47 8.76 -9.63
C SER B 75 -14.64 8.60 -11.12
N VAL B 76 -15.77 8.02 -11.53
CA VAL B 76 -16.04 7.74 -12.92
C VAL B 76 -17.39 8.33 -13.32
N LEU B 77 -17.42 8.96 -14.48
CA LEU B 77 -18.64 9.59 -14.99
C LEU B 77 -19.42 8.49 -15.63
N ARG B 78 -20.73 8.68 -15.72
CA ARG B 78 -21.54 7.59 -16.22
C ARG B 78 -21.22 7.18 -17.65
N GLY B 79 -20.64 8.11 -18.40
CA GLY B 79 -20.37 7.89 -19.81
C GLY B 79 -19.13 7.11 -20.09
N LYS B 80 -18.41 6.86 -18.99
CA LYS B 80 -17.15 6.15 -19.08
C LYS B 80 -17.21 4.85 -18.29
N LEU B 81 -18.35 4.58 -17.63
CA LEU B 81 -18.52 3.39 -16.83
C LEU B 81 -18.28 2.16 -17.63
N GLN B 82 -18.85 2.14 -18.83
CA GLN B 82 -18.76 0.94 -19.66
C GLN B 82 -17.31 0.69 -20.12
N LEU B 83 -16.46 1.71 -20.00
CA LEU B 83 -15.07 1.61 -20.44
C LEU B 83 -14.25 0.89 -19.38
N VAL B 84 -14.52 1.21 -18.09
CA VAL B 84 -13.92 0.55 -16.94
C VAL B 84 -14.17 -0.95 -17.00
N GLY B 85 -15.44 -1.32 -17.10
CA GLY B 85 -15.86 -2.71 -17.12
C GLY B 85 -15.34 -3.54 -18.28
N THR B 86 -15.32 -2.90 -19.43
CA THR B 86 -14.88 -3.44 -20.69
C THR B 86 -13.41 -3.72 -20.52
N ALA B 87 -12.70 -2.79 -19.89
CA ALA B 87 -11.29 -2.96 -19.64
C ALA B 87 -11.03 -4.08 -18.63
N ALA B 88 -11.88 -4.17 -17.62
CA ALA B 88 -11.69 -5.13 -16.57
C ALA B 88 -11.91 -6.52 -17.10
N MET B 89 -12.81 -6.70 -18.06
CA MET B 89 -13.05 -8.03 -18.64
C MET B 89 -11.91 -8.50 -19.53
N LEU B 90 -11.29 -7.56 -20.22
CA LEU B 90 -10.12 -7.83 -21.01
C LEU B 90 -8.99 -8.30 -20.06
N LEU B 91 -8.76 -7.51 -19.01
CA LEU B 91 -7.72 -7.86 -18.10
C LEU B 91 -7.98 -9.23 -17.45
N ALA B 92 -9.21 -9.41 -17.02
CA ALA B 92 -9.60 -10.65 -16.43
C ALA B 92 -9.43 -11.75 -17.45
N SER B 93 -9.73 -11.45 -18.69
CA SER B 93 -9.62 -12.46 -19.72
C SER B 93 -8.20 -12.84 -19.96
N LYS B 94 -7.36 -11.82 -20.04
CA LYS B 94 -5.94 -12.11 -20.18
C LYS B 94 -5.37 -12.91 -19.02
N PHE B 95 -5.87 -12.70 -17.80
CA PHE B 95 -5.32 -13.41 -16.61
C PHE B 95 -5.80 -14.87 -16.49
N GLU B 96 -7.09 -15.06 -16.75
CA GLU B 96 -7.78 -16.33 -16.53
C GLU B 96 -8.02 -17.25 -17.70
N GLU B 97 -8.29 -16.70 -18.89
CA GLU B 97 -8.58 -17.48 -20.12
C GLU B 97 -7.38 -18.02 -20.83
N ILE B 98 -7.55 -19.12 -21.55
CA ILE B 98 -6.42 -19.69 -22.24
C ILE B 98 -5.90 -18.75 -23.33
N TYR B 99 -6.79 -18.25 -24.12
CA TYR B 99 -6.39 -17.14 -24.94
C TYR B 99 -7.56 -16.17 -24.94
N PRO B 100 -7.26 -14.93 -24.61
CA PRO B 100 -8.29 -13.90 -24.58
C PRO B 100 -8.88 -13.50 -25.94
N PRO B 101 -10.05 -12.89 -25.87
CA PRO B 101 -10.62 -12.29 -27.07
C PRO B 101 -9.71 -11.13 -27.47
N GLU B 102 -9.72 -10.83 -28.76
CA GLU B 102 -8.91 -9.77 -29.37
C GLU B 102 -9.46 -8.52 -28.74
N VAL B 103 -8.63 -7.48 -28.67
CA VAL B 103 -9.09 -6.19 -28.15
C VAL B 103 -10.26 -5.77 -29.01
N ALA B 104 -10.14 -5.91 -30.32
CA ALA B 104 -11.17 -5.46 -31.28
C ALA B 104 -12.57 -6.03 -30.99
N GLU B 105 -12.64 -7.24 -30.43
CA GLU B 105 -13.98 -7.73 -30.05
C GLU B 105 -14.65 -7.02 -28.84
N PHE B 106 -13.86 -6.76 -27.82
CA PHE B 106 -14.32 -5.99 -26.70
C PHE B 106 -14.80 -4.63 -27.18
N VAL B 107 -14.14 -4.07 -28.19
CA VAL B 107 -14.59 -2.79 -28.76
C VAL B 107 -15.89 -3.01 -29.49
N TYR B 108 -15.94 -4.04 -30.34
CA TYR B 108 -17.16 -4.31 -31.09
C TYR B 108 -18.39 -4.39 -30.21
N ILE B 109 -18.33 -5.16 -29.12
CA ILE B 109 -19.53 -5.33 -28.30
C ILE B 109 -20.05 -4.06 -27.68
N THR B 110 -19.26 -2.99 -27.73
CA THR B 110 -19.75 -1.71 -27.21
C THR B 110 -20.54 -0.90 -28.23
N ASP B 111 -20.49 -1.30 -29.48
CA ASP B 111 -21.04 -0.51 -30.58
C ASP B 111 -20.38 0.83 -30.67
N ASP B 112 -19.05 0.76 -30.72
CA ASP B 112 -18.20 1.93 -30.82
C ASP B 112 -18.48 3.03 -29.82
N THR B 113 -18.87 2.70 -28.59
CA THR B 113 -18.92 3.82 -27.65
C THR B 113 -17.54 4.21 -27.15
N TYR B 114 -16.54 3.40 -27.48
CA TYR B 114 -15.14 3.67 -27.14
C TYR B 114 -14.21 3.20 -28.24
N THR B 115 -13.07 3.84 -28.41
CA THR B 115 -12.10 3.33 -29.37
C THR B 115 -11.11 2.35 -28.77
N LYS B 116 -10.58 1.51 -29.64
CA LYS B 116 -9.57 0.54 -29.31
C LYS B 116 -8.47 1.12 -28.43
N LYS B 117 -7.98 2.29 -28.79
CA LYS B 117 -6.96 2.96 -28.00
C LYS B 117 -7.52 3.35 -26.65
N GLN B 118 -8.71 3.91 -26.61
CA GLN B 118 -9.35 4.23 -25.33
C GLN B 118 -9.46 2.95 -24.46
N VAL B 119 -9.82 1.83 -25.04
CA VAL B 119 -9.84 0.60 -24.27
C VAL B 119 -8.43 0.32 -23.73
N LEU B 120 -7.43 0.31 -24.59
CA LEU B 120 -6.08 0.02 -24.11
C LEU B 120 -5.56 1.00 -23.06
N ARG B 121 -5.90 2.28 -23.26
CA ARG B 121 -5.50 3.26 -22.29
C ARG B 121 -6.12 2.91 -20.93
N MET B 122 -7.40 2.62 -20.89
CA MET B 122 -8.06 2.27 -19.63
C MET B 122 -7.47 1.01 -19.03
N GLU B 123 -7.18 0.02 -19.82
CA GLU B 123 -6.47 -1.16 -19.32
C GLU B 123 -5.31 -0.70 -18.44
N HIS B 124 -4.43 0.04 -19.08
CA HIS B 124 -3.26 0.59 -18.43
C HIS B 124 -3.61 1.30 -17.13
N LEU B 125 -4.65 2.12 -17.16
CA LEU B 125 -5.03 2.83 -15.94
C LEU B 125 -5.54 1.84 -14.90
N VAL B 126 -6.37 0.89 -15.32
CA VAL B 126 -6.84 -0.10 -14.38
C VAL B 126 -5.65 -0.80 -13.77
N LEU B 127 -4.64 -1.16 -14.57
CA LEU B 127 -3.47 -1.78 -13.95
C LEU B 127 -2.70 -0.87 -12.94
N LYS B 128 -2.57 0.44 -13.18
CA LYS B 128 -1.87 1.30 -12.24
C LYS B 128 -2.60 1.34 -10.92
N VAL B 129 -3.88 1.63 -10.99
CA VAL B 129 -4.73 1.75 -9.80
C VAL B 129 -4.74 0.47 -8.97
N LEU B 130 -4.81 -0.70 -9.61
CA LEU B 130 -4.79 -2.02 -8.95
C LEU B 130 -3.43 -2.54 -8.52
N THR B 131 -2.38 -1.85 -8.92
CA THR B 131 -0.97 -2.21 -8.63
C THR B 131 -0.64 -3.65 -9.13
N PHE B 132 -1.17 -3.99 -10.30
CA PHE B 132 -1.11 -5.33 -10.88
C PHE B 132 -1.62 -6.50 -10.03
N ASP B 133 -2.41 -6.21 -9.01
CA ASP B 133 -2.90 -7.23 -8.11
C ASP B 133 -4.18 -7.84 -8.66
N LEU B 134 -4.01 -8.71 -9.64
CA LEU B 134 -5.12 -9.32 -10.34
C LEU B 134 -5.55 -10.70 -9.83
N ALA B 135 -4.77 -11.31 -8.94
CA ALA B 135 -5.06 -12.66 -8.47
C ALA B 135 -6.01 -12.55 -7.29
N ALA B 136 -7.17 -11.99 -7.54
CA ALA B 136 -8.12 -11.83 -6.45
C ALA B 136 -8.95 -13.09 -6.22
N PRO B 137 -9.05 -13.53 -5.00
CA PRO B 137 -9.93 -14.65 -4.74
C PRO B 137 -11.40 -14.29 -5.02
N THR B 138 -12.21 -15.25 -5.41
CA THR B 138 -13.60 -14.99 -5.77
C THR B 138 -14.53 -16.01 -5.08
N VAL B 139 -15.80 -15.68 -5.03
CA VAL B 139 -16.86 -16.54 -4.55
C VAL B 139 -16.73 -17.86 -5.29
N ASN B 140 -16.60 -17.76 -6.59
CA ASN B 140 -16.45 -18.93 -7.44
C ASN B 140 -15.22 -19.80 -7.07
N GLN B 141 -14.21 -19.18 -6.47
CA GLN B 141 -13.02 -19.92 -6.10
C GLN B 141 -13.33 -20.59 -4.80
N PHE B 142 -14.09 -19.94 -3.93
CA PHE B 142 -14.37 -20.58 -2.65
C PHE B 142 -15.33 -21.74 -2.80
N LEU B 143 -16.32 -21.61 -3.67
CA LEU B 143 -17.31 -22.65 -3.88
C LEU B 143 -16.58 -23.93 -4.35
N THR B 144 -15.87 -23.81 -5.46
CA THR B 144 -14.97 -24.84 -5.93
C THR B 144 -14.21 -25.51 -4.81
N GLN B 145 -13.55 -24.75 -3.94
CA GLN B 145 -12.88 -25.41 -2.82
C GLN B 145 -13.88 -26.09 -1.90
N TYR B 146 -15.03 -25.47 -1.64
CA TYR B 146 -16.04 -26.09 -0.79
C TYR B 146 -16.60 -27.35 -1.41
N PHE B 147 -16.85 -27.38 -2.72
CA PHE B 147 -17.43 -28.55 -3.38
C PHE B 147 -16.67 -29.87 -3.16
N LEU B 148 -15.39 -29.80 -2.84
CA LEU B 148 -14.66 -31.01 -2.54
C LEU B 148 -15.17 -31.65 -1.26
N HIS B 149 -15.86 -30.90 -0.40
CA HIS B 149 -16.36 -31.43 0.88
C HIS B 149 -17.81 -31.92 0.85
N GLN B 150 -18.41 -32.02 -0.33
CA GLN B 150 -19.79 -32.50 -0.39
C GLN B 150 -19.79 -34.03 -0.31
N GLN B 151 -20.83 -34.58 0.32
CA GLN B 151 -20.96 -36.02 0.53
C GLN B 151 -22.27 -36.63 0.00
N PRO B 152 -22.32 -37.01 -1.28
CA PRO B 152 -21.26 -36.78 -2.27
C PRO B 152 -21.68 -35.63 -3.17
N ALA B 153 -20.88 -35.31 -4.18
CA ALA B 153 -21.15 -34.22 -5.13
C ALA B 153 -22.53 -34.34 -5.81
N ASN B 154 -23.37 -33.33 -5.61
CA ASN B 154 -24.68 -33.25 -6.23
C ASN B 154 -24.62 -32.17 -7.29
N CYS B 155 -24.61 -32.58 -8.55
CA CYS B 155 -24.38 -31.63 -9.62
C CYS B 155 -25.35 -30.46 -9.59
N LYS B 156 -26.60 -30.71 -9.26
CA LYS B 156 -27.60 -29.64 -9.15
C LYS B 156 -27.26 -28.66 -8.05
N VAL B 157 -26.65 -29.16 -6.99
CA VAL B 157 -26.28 -28.29 -5.92
C VAL B 157 -25.11 -27.41 -6.30
N GLU B 158 -24.24 -27.89 -7.18
CA GLU B 158 -23.07 -27.12 -7.62
C GLU B 158 -23.48 -25.98 -8.55
N SER B 159 -24.37 -26.27 -9.49
CA SER B 159 -24.82 -25.28 -10.44
C SER B 159 -25.56 -24.17 -9.75
N LEU B 160 -26.49 -24.55 -8.89
CA LEU B 160 -27.36 -23.62 -8.23
C LEU B 160 -26.53 -22.78 -7.27
N ALA B 161 -25.54 -23.36 -6.59
CA ALA B 161 -24.70 -22.51 -5.76
C ALA B 161 -23.97 -21.51 -6.65
N MET B 162 -23.40 -22.00 -7.72
CA MET B 162 -22.78 -21.13 -8.68
C MET B 162 -23.73 -19.99 -9.11
N PHE B 163 -24.97 -20.35 -9.43
CA PHE B 163 -25.99 -19.38 -9.86
C PHE B 163 -26.24 -18.34 -8.81
N LEU B 164 -26.44 -18.75 -7.57
CA LEU B 164 -26.65 -17.76 -6.50
C LEU B 164 -25.44 -16.86 -6.27
N GLY B 165 -24.25 -17.39 -6.53
CA GLY B 165 -23.04 -16.62 -6.36
C GLY B 165 -22.99 -15.50 -7.37
N GLU B 166 -23.51 -15.73 -8.57
CA GLU B 166 -23.44 -14.72 -9.63
C GLU B 166 -24.45 -13.67 -9.30
N LEU B 167 -25.65 -14.09 -8.91
CA LEU B 167 -26.64 -13.08 -8.59
C LEU B 167 -26.04 -12.06 -7.65
N SER B 168 -25.27 -12.52 -6.66
CA SER B 168 -24.69 -11.61 -5.70
C SER B 168 -23.70 -10.58 -6.34
N LEU B 169 -23.15 -10.89 -7.50
CA LEU B 169 -22.29 -9.96 -8.22
C LEU B 169 -23.07 -8.71 -8.69
N ILE B 170 -24.31 -8.93 -9.08
CA ILE B 170 -25.13 -7.86 -9.61
C ILE B 170 -25.49 -6.75 -8.66
N ASP B 171 -25.61 -7.07 -7.39
CA ASP B 171 -26.10 -6.14 -6.40
C ASP B 171 -25.12 -5.72 -5.34
N ALA B 172 -24.36 -4.67 -5.59
CA ALA B 172 -23.48 -4.07 -4.57
C ALA B 172 -24.32 -3.82 -3.34
N ASP B 173 -25.54 -3.42 -3.65
CA ASP B 173 -26.68 -3.18 -2.74
C ASP B 173 -26.50 -3.75 -1.35
N PRO B 174 -26.49 -5.08 -1.20
CA PRO B 174 -25.99 -5.71 0.04
C PRO B 174 -24.65 -6.44 -0.11
N TYR B 175 -24.40 -7.10 -1.23
CA TYR B 175 -23.27 -8.05 -1.26
C TYR B 175 -21.82 -7.57 -1.10
N LEU B 176 -21.56 -6.27 -1.26
CA LEU B 176 -20.26 -5.69 -1.01
C LEU B 176 -19.90 -5.72 0.48
N LYS B 177 -20.85 -5.96 1.36
CA LYS B 177 -20.49 -6.03 2.77
C LYS B 177 -19.98 -7.41 3.24
N TYR B 178 -19.97 -8.41 2.38
CA TYR B 178 -19.47 -9.69 2.82
C TYR B 178 -18.26 -10.07 1.99
N LEU B 179 -17.33 -10.79 2.60
CA LEU B 179 -16.21 -11.35 1.84
C LEU B 179 -16.67 -12.49 0.96
N PRO B 180 -15.94 -12.74 -0.11
CA PRO B 180 -16.27 -13.82 -1.02
C PRO B 180 -16.51 -15.20 -0.34
N SER B 181 -15.76 -15.56 0.70
CA SER B 181 -15.91 -16.85 1.37
C SER B 181 -17.23 -17.01 2.11
N VAL B 182 -17.73 -15.91 2.62
CA VAL B 182 -18.98 -15.86 3.33
C VAL B 182 -20.11 -15.99 2.32
N ILE B 183 -20.06 -15.23 1.25
CA ILE B 183 -21.13 -15.36 0.27
C ILE B 183 -21.13 -16.77 -0.26
N ALA B 184 -19.94 -17.30 -0.47
CA ALA B 184 -19.79 -18.65 -0.93
C ALA B 184 -20.43 -19.62 0.02
N GLY B 185 -20.15 -19.41 1.29
CA GLY B 185 -20.75 -20.25 2.31
C GLY B 185 -22.24 -20.23 2.25
N ALA B 186 -22.79 -19.01 2.12
CA ALA B 186 -24.25 -18.78 2.12
C ALA B 186 -24.92 -19.40 0.93
N ALA B 187 -24.33 -19.22 -0.24
CA ALA B 187 -24.90 -19.82 -1.45
C ALA B 187 -24.89 -21.34 -1.45
N PHE B 188 -23.87 -21.92 -0.83
CA PHE B 188 -23.74 -23.38 -0.81
C PHE B 188 -24.79 -23.94 0.14
N HIS B 189 -24.93 -23.31 1.31
CA HIS B 189 -25.99 -23.69 2.24
C HIS B 189 -27.33 -23.54 1.62
N LEU B 190 -27.54 -22.44 0.92
CA LEU B 190 -28.79 -22.20 0.23
C LEU B 190 -29.05 -23.15 -0.92
N ALA B 191 -28.03 -23.51 -1.69
CA ALA B 191 -28.33 -24.40 -2.81
C ALA B 191 -28.64 -25.81 -2.29
N LEU B 192 -27.82 -26.25 -1.36
CA LEU B 192 -27.95 -27.54 -0.73
C LEU B 192 -29.32 -27.60 -0.09
N TYR B 193 -29.66 -26.56 0.64
CA TYR B 193 -30.93 -26.51 1.32
C TYR B 193 -32.06 -26.55 0.31
N THR B 194 -31.91 -25.87 -0.81
CA THR B 194 -32.95 -25.91 -1.81
C THR B 194 -33.10 -27.23 -2.53
N VAL B 195 -32.02 -27.97 -2.77
CA VAL B 195 -32.16 -29.20 -3.53
C VAL B 195 -32.54 -30.43 -2.66
N THR B 196 -32.10 -30.46 -1.41
CA THR B 196 -32.20 -31.63 -0.57
C THR B 196 -32.72 -31.39 0.84
N GLY B 197 -32.72 -30.16 1.30
CA GLY B 197 -33.14 -29.89 2.66
C GLY B 197 -32.06 -30.02 3.72
N GLN B 198 -30.86 -30.45 3.31
CA GLN B 198 -29.71 -30.60 4.21
C GLN B 198 -29.16 -29.21 4.54
N SER B 199 -28.02 -29.16 5.24
CA SER B 199 -27.53 -27.96 5.87
C SER B 199 -26.00 -27.82 5.79
N TRP B 200 -25.50 -26.58 5.91
CA TRP B 200 -24.07 -26.30 5.93
C TRP B 200 -23.40 -27.42 6.68
N PRO B 201 -22.69 -28.28 5.95
CA PRO B 201 -22.06 -29.48 6.53
C PRO B 201 -21.00 -29.18 7.54
N GLU B 202 -20.84 -30.12 8.46
CA GLU B 202 -19.92 -30.00 9.58
C GLU B 202 -18.51 -29.84 9.06
N SER B 203 -18.16 -30.62 8.05
CA SER B 203 -16.88 -30.47 7.33
C SER B 203 -16.52 -29.00 7.13
N LEU B 204 -17.45 -28.30 6.49
CA LEU B 204 -17.24 -26.93 6.09
C LEU B 204 -17.17 -26.02 7.26
N ILE B 205 -18.01 -26.28 8.25
CA ILE B 205 -17.97 -25.53 9.52
C ILE B 205 -16.56 -25.66 10.10
N ARG B 206 -16.06 -26.87 10.10
CA ARG B 206 -14.69 -27.11 10.55
C ARG B 206 -13.63 -26.52 9.60
N LYS B 207 -13.85 -26.66 8.29
CA LYS B 207 -13.01 -26.03 7.30
C LYS B 207 -13.00 -24.51 7.41
N THR B 208 -14.18 -23.88 7.40
CA THR B 208 -14.24 -22.42 7.29
C THR B 208 -14.15 -21.64 8.58
N GLY B 209 -14.42 -22.32 9.69
CA GLY B 209 -14.49 -21.64 10.97
C GLY B 209 -15.82 -20.92 11.02
N TYR B 210 -16.71 -21.19 10.06
CA TYR B 210 -18.01 -20.50 10.00
C TYR B 210 -19.15 -21.40 10.44
N THR B 211 -19.97 -20.91 11.35
CA THR B 211 -21.19 -21.59 11.78
C THR B 211 -22.32 -21.10 10.89
N LEU B 212 -23.38 -21.89 10.80
CA LEU B 212 -24.57 -21.43 10.09
C LEU B 212 -24.98 -20.06 10.58
N GLU B 213 -24.94 -19.84 11.89
CA GLU B 213 -25.37 -18.56 12.44
C GLU B 213 -24.54 -17.39 11.94
N SER B 214 -23.25 -17.63 11.67
CA SER B 214 -22.36 -16.60 11.15
C SER B 214 -22.75 -16.27 9.72
N LEU B 215 -23.32 -17.25 9.04
CA LEU B 215 -23.75 -17.09 7.67
C LEU B 215 -25.12 -16.51 7.49
N LYS B 216 -25.78 -16.25 8.61
CA LYS B 216 -27.22 -16.03 8.60
C LYS B 216 -27.61 -14.70 7.99
N PRO B 217 -26.91 -13.63 8.30
CA PRO B 217 -27.24 -12.36 7.66
C PRO B 217 -27.12 -12.41 6.12
N CYS B 218 -25.97 -12.84 5.59
CA CYS B 218 -25.78 -12.90 4.16
C CYS B 218 -26.75 -13.88 3.57
N LEU B 219 -27.00 -14.97 4.29
CA LEU B 219 -27.91 -15.97 3.77
C LEU B 219 -29.33 -15.42 3.67
N MET B 220 -29.78 -14.64 4.64
CA MET B 220 -31.10 -14.09 4.50
C MET B 220 -31.18 -13.17 3.30
N ASP B 221 -30.15 -12.35 3.11
CA ASP B 221 -30.08 -11.50 1.94
C ASP B 221 -30.16 -12.33 0.66
N LEU B 222 -29.32 -13.36 0.57
CA LEU B 222 -29.29 -14.19 -0.61
C LEU B 222 -30.60 -14.93 -0.84
N HIS B 223 -31.35 -15.22 0.21
CA HIS B 223 -32.66 -15.86 0.06
C HIS B 223 -33.63 -14.85 -0.53
N GLN B 224 -33.65 -13.68 0.05
CA GLN B 224 -34.42 -12.61 -0.53
C GLN B 224 -34.11 -12.46 -2.03
N THR B 225 -32.84 -12.38 -2.41
CA THR B 225 -32.45 -12.20 -3.81
C THR B 225 -32.98 -13.34 -4.67
N TYR B 226 -32.99 -14.55 -4.12
CA TYR B 226 -33.42 -15.72 -4.87
C TYR B 226 -34.92 -15.64 -5.16
N LEU B 227 -35.70 -15.31 -4.13
CA LEU B 227 -37.15 -15.18 -4.29
C LEU B 227 -37.48 -14.06 -5.23
N LYS B 228 -36.79 -12.94 -5.06
CA LYS B 228 -37.04 -11.75 -5.88
C LYS B 228 -36.48 -11.80 -7.30
N ALA B 229 -35.78 -12.86 -7.68
CA ALA B 229 -35.01 -12.87 -8.91
C ALA B 229 -35.78 -12.77 -10.24
N PRO B 230 -36.92 -13.40 -10.31
CA PRO B 230 -37.71 -13.25 -11.53
C PRO B 230 -38.17 -11.82 -11.78
N GLN B 231 -38.17 -10.96 -10.76
CA GLN B 231 -38.59 -9.58 -10.87
C GLN B 231 -37.51 -8.60 -11.28
N HIS B 232 -36.28 -8.88 -10.87
CA HIS B 232 -35.14 -7.98 -11.09
C HIS B 232 -35.06 -7.36 -12.48
N ALA B 233 -34.60 -6.11 -12.49
CA ALA B 233 -34.38 -5.43 -13.77
C ALA B 233 -33.41 -6.15 -14.69
N GLN B 234 -32.42 -6.81 -14.07
CA GLN B 234 -31.35 -7.51 -14.74
C GLN B 234 -31.60 -9.01 -14.71
N GLN B 235 -31.44 -9.65 -15.85
CA GLN B 235 -31.82 -11.04 -16.01
C GLN B 235 -30.90 -11.95 -16.82
N SER B 236 -29.70 -11.50 -17.17
CA SER B 236 -28.78 -12.32 -17.95
C SER B 236 -28.36 -13.61 -17.22
N ILE B 237 -28.17 -13.51 -15.92
CA ILE B 237 -27.81 -14.66 -15.14
C ILE B 237 -28.88 -15.78 -15.22
N ARG B 238 -30.14 -15.49 -14.88
CA ARG B 238 -31.20 -16.48 -15.01
C ARG B 238 -31.26 -17.05 -16.39
N GLU B 239 -31.02 -16.24 -17.40
CA GLU B 239 -31.07 -16.75 -18.75
C GLU B 239 -29.89 -17.66 -18.98
N LYS B 240 -28.75 -17.25 -18.44
CA LYS B 240 -27.56 -18.11 -18.57
C LYS B 240 -27.86 -19.43 -17.86
N TYR B 241 -28.46 -19.40 -16.70
CA TYR B 241 -28.63 -20.67 -16.01
C TYR B 241 -29.81 -21.59 -16.40
N LYS B 242 -30.45 -21.32 -17.54
CA LYS B 242 -31.53 -22.12 -18.06
C LYS B 242 -30.95 -23.19 -18.97
N ASN B 243 -29.65 -23.15 -19.20
CA ASN B 243 -28.99 -24.09 -20.09
C ASN B 243 -28.78 -25.45 -19.42
N SER B 244 -28.92 -26.50 -20.24
CA SER B 244 -28.76 -27.90 -19.84
C SER B 244 -27.46 -28.04 -19.08
N LYS B 245 -26.52 -27.17 -19.39
CA LYS B 245 -25.19 -27.14 -18.81
C LYS B 245 -25.20 -27.09 -17.29
N TYR B 246 -26.20 -26.39 -16.78
CA TYR B 246 -26.39 -26.18 -15.36
C TYR B 246 -27.66 -26.92 -14.89
N HIS B 247 -28.11 -27.92 -15.63
CA HIS B 247 -29.31 -28.64 -15.23
C HIS B 247 -30.48 -27.69 -15.01
N GLY B 248 -30.47 -26.54 -15.69
CA GLY B 248 -31.46 -25.49 -15.54
C GLY B 248 -31.86 -25.05 -14.14
N VAL B 249 -31.06 -25.41 -13.14
CA VAL B 249 -31.39 -25.08 -11.75
C VAL B 249 -32.16 -23.77 -11.60
N SER B 250 -31.86 -22.79 -12.46
CA SER B 250 -32.48 -21.48 -12.51
C SER B 250 -34.00 -21.60 -12.44
N LEU B 251 -34.54 -22.77 -12.75
CA LEU B 251 -35.97 -23.00 -12.64
C LEU B 251 -36.46 -23.42 -11.25
N LEU B 252 -35.97 -24.52 -10.69
CA LEU B 252 -36.49 -25.01 -9.40
C LEU B 252 -37.00 -23.86 -8.56
N ASN B 253 -38.00 -24.14 -7.74
CA ASN B 253 -38.67 -23.08 -7.01
C ASN B 253 -37.92 -22.84 -5.71
N PRO B 254 -37.58 -21.58 -5.46
CA PRO B 254 -36.92 -21.20 -4.20
C PRO B 254 -37.78 -21.55 -3.01
N PRO B 255 -37.20 -22.06 -1.93
CA PRO B 255 -37.97 -22.33 -0.71
C PRO B 255 -38.46 -21.03 -0.13
N GLU B 256 -39.74 -20.92 0.21
CA GLU B 256 -40.26 -19.66 0.72
C GLU B 256 -39.79 -19.28 2.07
N THR B 257 -39.32 -20.29 2.80
CA THR B 257 -38.73 -20.08 4.10
C THR B 257 -37.41 -20.83 4.21
N LEU B 258 -36.50 -20.28 5.02
CA LEU B 258 -35.20 -20.85 5.28
C LEU B 258 -35.24 -21.79 6.43
N ASN B 259 -36.44 -21.89 7.02
CA ASN B 259 -36.67 -22.74 8.19
C ASN B 259 -35.52 -22.76 9.15
N LEU B 260 -34.76 -21.67 9.18
CA LEU B 260 -33.58 -21.53 9.98
C LEU B 260 -33.91 -21.33 11.48
N MET C 1 0.52 11.71 -17.37
CA MET C 1 -0.06 13.02 -17.82
C MET C 1 -0.89 13.02 -19.10
N GLU C 2 -0.48 12.23 -20.10
CA GLU C 2 -1.26 12.04 -21.31
C GLU C 2 -2.74 11.69 -21.14
N ASN C 3 -3.17 11.31 -19.94
CA ASN C 3 -4.59 11.15 -19.70
C ASN C 3 -5.30 12.43 -19.27
N PHE C 4 -4.59 13.53 -19.10
CA PHE C 4 -5.28 14.72 -18.61
C PHE C 4 -5.42 15.74 -19.72
N GLN C 5 -6.62 16.29 -19.85
CA GLN C 5 -6.94 17.34 -20.84
C GLN C 5 -7.24 18.59 -20.04
N LYS C 6 -6.38 19.57 -20.22
CA LYS C 6 -6.47 20.90 -19.64
C LYS C 6 -7.66 21.69 -20.20
N VAL C 7 -8.51 22.21 -19.32
CA VAL C 7 -9.73 22.90 -19.69
C VAL C 7 -9.63 24.44 -19.68
N GLU C 8 -9.20 25.00 -18.57
CA GLU C 8 -9.01 26.43 -18.43
C GLU C 8 -8.16 26.66 -17.19
N LYS C 9 -7.46 27.78 -17.16
CA LYS C 9 -6.58 28.10 -16.05
C LYS C 9 -7.46 28.49 -14.89
N ILE C 10 -7.22 27.96 -13.69
CA ILE C 10 -8.09 28.30 -12.57
C ILE C 10 -7.56 29.45 -11.78
N GLY C 11 -6.25 29.59 -11.76
CA GLY C 11 -5.64 30.68 -11.04
C GLY C 11 -4.21 30.38 -10.69
N GLU C 12 -3.63 31.23 -9.86
CA GLU C 12 -2.27 31.05 -9.44
C GLU C 12 -2.37 30.72 -7.97
N GLY C 13 -1.47 29.83 -7.52
CA GLY C 13 -1.46 29.35 -6.15
C GLY C 13 -0.04 29.08 -5.71
N THR C 14 0.11 28.57 -4.48
CA THR C 14 1.39 28.23 -3.87
C THR C 14 2.47 28.04 -4.90
N TYR C 15 2.25 27.06 -5.77
CA TYR C 15 3.19 26.74 -6.82
C TYR C 15 3.05 27.76 -7.95
N GLY C 16 2.48 27.36 -9.09
CA GLY C 16 2.38 28.34 -10.15
C GLY C 16 0.95 28.45 -10.54
N VAL C 17 0.69 28.43 -11.84
CA VAL C 17 -0.67 28.51 -12.35
C VAL C 17 -1.39 27.22 -12.02
N VAL C 18 -2.63 27.32 -11.55
CA VAL C 18 -3.45 26.14 -11.32
C VAL C 18 -4.32 25.94 -12.54
N TYR C 19 -4.49 24.69 -12.97
CA TYR C 19 -5.30 24.38 -14.14
C TYR C 19 -6.43 23.41 -13.86
N LYS C 20 -7.62 23.70 -14.36
CA LYS C 20 -8.72 22.77 -14.35
C LYS C 20 -8.50 21.82 -15.53
N ALA C 21 -8.55 20.52 -15.27
CA ALA C 21 -8.33 19.56 -16.31
C ALA C 21 -9.34 18.44 -16.17
N ARG C 22 -9.41 17.61 -17.20
CA ARG C 22 -10.30 16.48 -17.15
C ARG C 22 -9.60 15.22 -17.59
N ASN C 23 -9.93 14.14 -16.90
CA ASN C 23 -9.33 12.86 -17.14
C ASN C 23 -10.03 12.34 -18.37
N LYS C 24 -9.30 12.19 -19.46
CA LYS C 24 -9.81 11.68 -20.73
C LYS C 24 -10.50 10.31 -20.63
N LEU C 25 -10.09 9.48 -19.67
CA LEU C 25 -10.61 8.12 -19.54
C LEU C 25 -11.77 7.91 -18.58
N THR C 26 -11.85 8.71 -17.53
CA THR C 26 -12.89 8.56 -16.54
C THR C 26 -13.85 9.71 -16.46
N GLY C 27 -13.47 10.82 -17.04
CA GLY C 27 -14.31 11.99 -16.95
C GLY C 27 -14.06 12.82 -15.70
N GLU C 28 -13.23 12.38 -14.76
CA GLU C 28 -12.93 13.10 -13.53
C GLU C 28 -12.37 14.48 -13.81
N VAL C 29 -13.01 15.51 -13.25
CA VAL C 29 -12.53 16.86 -13.36
C VAL C 29 -11.53 17.02 -12.21
N VAL C 30 -10.47 17.75 -12.50
CA VAL C 30 -9.38 17.82 -11.57
C VAL C 30 -8.70 19.16 -11.59
N ALA C 31 -8.01 19.48 -10.49
CA ALA C 31 -7.21 20.68 -10.45
C ALA C 31 -5.71 20.30 -10.50
N LEU C 32 -5.00 20.61 -11.59
CA LEU C 32 -3.56 20.31 -11.72
C LEU C 32 -2.67 21.44 -11.23
N LYS C 33 -1.91 21.16 -10.19
CA LYS C 33 -0.85 22.06 -9.79
C LYS C 33 0.47 21.52 -10.33
N LYS C 34 1.31 22.40 -10.85
CA LYS C 34 2.52 21.98 -11.48
C LYS C 34 3.71 22.57 -10.77
N ILE C 35 4.54 21.74 -10.15
CA ILE C 35 5.79 22.20 -9.58
C ILE C 35 6.89 21.89 -10.58
N ARG C 36 7.61 22.93 -11.00
CA ARG C 36 8.66 22.79 -12.01
C ARG C 36 9.91 22.28 -11.33
N LEU C 37 9.86 21.01 -10.97
CA LEU C 37 10.97 20.30 -10.33
C LEU C 37 12.27 20.35 -11.11
N ASP C 38 12.26 20.96 -12.29
CA ASP C 38 13.49 21.13 -13.07
C ASP C 38 14.68 21.12 -12.10
N THR C 39 15.22 19.92 -11.92
CA THR C 39 16.26 19.63 -10.93
C THR C 39 17.56 20.44 -11.06
CA GLU C 40 18.62 22.91 -11.13
C GLU C 40 18.23 23.93 -10.07
N THR C 41 17.41 23.52 -9.12
CA THR C 41 17.07 24.42 -8.03
C THR C 41 17.45 23.85 -6.66
N GLU C 42 16.41 23.55 -5.89
CA GLU C 42 16.57 23.18 -4.50
C GLU C 42 15.79 21.91 -4.18
N GLY C 43 15.22 21.26 -5.17
CA GLY C 43 14.54 20.00 -4.95
C GLY C 43 13.07 20.20 -4.81
N VAL C 44 12.39 19.15 -4.38
CA VAL C 44 10.95 19.27 -4.09
C VAL C 44 10.83 20.32 -2.99
N PRO C 45 10.03 21.35 -3.21
CA PRO C 45 9.83 22.39 -2.20
C PRO C 45 9.13 21.93 -0.93
N SER C 46 9.53 22.51 0.19
CA SER C 46 8.96 22.13 1.48
C SER C 46 7.44 22.17 1.52
N THR C 47 6.85 23.14 0.85
CA THR C 47 5.40 23.21 0.76
C THR C 47 4.82 21.93 0.17
N ALA C 48 5.39 21.41 -0.91
CA ALA C 48 4.91 20.15 -1.46
C ALA C 48 5.22 18.95 -0.55
N ILE C 49 6.40 18.94 0.04
CA ILE C 49 6.73 17.92 1.00
C ILE C 49 5.73 17.89 2.13
N ARG C 50 5.35 19.05 2.65
CA ARG C 50 4.35 19.04 3.71
C ARG C 50 2.90 18.77 3.25
N GLU C 51 2.50 19.36 2.12
CA GLU C 51 1.12 19.20 1.64
C GLU C 51 0.83 17.75 1.19
N ILE C 52 1.78 17.11 0.52
CA ILE C 52 1.60 15.75 0.07
C ILE C 52 1.70 14.76 1.20
N SER C 53 2.71 14.86 2.05
CA SER C 53 2.79 13.93 3.15
C SER C 53 1.64 14.02 4.13
N LEU C 54 1.30 15.20 4.56
CA LEU C 54 0.23 15.31 5.54
C LEU C 54 -1.11 15.06 4.89
N LEU C 55 -1.25 15.47 3.65
CA LEU C 55 -2.56 15.34 3.03
C LEU C 55 -2.96 13.91 2.76
N LYS C 56 -1.98 13.02 2.62
CA LYS C 56 -2.34 11.65 2.38
C LYS C 56 -2.63 10.92 3.69
N GLU C 57 -2.57 11.65 4.79
CA GLU C 57 -3.02 11.12 6.06
C GLU C 57 -4.31 11.79 6.51
N LEU C 58 -4.88 12.66 5.69
CA LEU C 58 -6.06 13.40 6.08
C LEU C 58 -7.22 13.12 5.13
N ASN C 59 -7.85 11.98 5.33
CA ASN C 59 -9.01 11.60 4.56
C ASN C 59 -10.24 12.08 5.28
N HIS C 60 -10.82 13.18 4.80
CA HIS C 60 -11.97 13.78 5.43
C HIS C 60 -12.84 14.55 4.42
N PRO C 61 -14.14 14.42 4.53
CA PRO C 61 -15.03 15.14 3.60
C PRO C 61 -14.80 16.64 3.49
N ASN C 62 -14.18 17.26 4.48
CA ASN C 62 -13.97 18.69 4.42
C ASN C 62 -12.48 19.09 4.34
N ILE C 63 -11.69 18.20 3.78
CA ILE C 63 -10.32 18.44 3.46
C ILE C 63 -10.11 18.04 1.98
N VAL C 64 -9.45 18.87 1.18
CA VAL C 64 -9.26 18.50 -0.21
C VAL C 64 -8.63 17.16 -0.34
N LYS C 65 -9.09 16.40 -1.34
CA LYS C 65 -8.58 15.10 -1.71
C LYS C 65 -7.40 15.32 -2.64
N LEU C 66 -6.22 14.89 -2.23
CA LEU C 66 -5.07 14.95 -3.13
C LEU C 66 -5.05 13.62 -3.85
N LEU C 67 -5.53 13.60 -5.09
CA LEU C 67 -5.82 12.37 -5.82
C LEU C 67 -4.63 11.67 -6.37
N ASP C 68 -3.62 12.39 -6.84
CA ASP C 68 -2.46 11.69 -7.38
C ASP C 68 -1.30 12.64 -7.43
N VAL C 69 -0.12 12.06 -7.38
CA VAL C 69 1.11 12.82 -7.48
C VAL C 69 1.85 12.11 -8.59
N ILE C 70 2.02 12.76 -9.72
CA ILE C 70 2.65 12.10 -10.85
C ILE C 70 4.08 12.55 -10.99
N HIS C 71 4.96 11.57 -10.94
CA HIS C 71 6.40 11.78 -10.96
C HIS C 71 6.98 11.78 -12.37
N THR C 72 7.97 12.61 -12.61
CA THR C 72 8.71 12.51 -13.85
C THR C 72 10.08 13.08 -13.49
N GLU C 73 11.00 13.00 -14.44
CA GLU C 73 12.35 13.48 -14.22
C GLU C 73 12.44 14.98 -13.89
N ASN C 74 11.65 15.85 -14.54
CA ASN C 74 11.76 17.28 -14.23
C ASN C 74 10.49 18.03 -13.85
N LYS C 75 9.43 17.34 -13.47
CA LYS C 75 8.23 18.03 -13.01
C LYS C 75 7.46 17.15 -12.03
N LEU C 76 6.85 17.80 -11.05
CA LEU C 76 5.98 17.10 -10.14
C LEU C 76 4.60 17.63 -10.42
N TYR C 77 3.65 16.75 -10.75
CA TYR C 77 2.26 17.20 -10.85
C TYR C 77 1.52 16.74 -9.64
N LEU C 78 0.74 17.66 -9.10
CA LEU C 78 -0.14 17.37 -8.02
C LEU C 78 -1.55 17.40 -8.58
N VAL C 79 -2.26 16.30 -8.43
CA VAL C 79 -3.62 16.21 -8.95
C VAL C 79 -4.60 16.26 -7.78
N PHE C 80 -5.26 17.41 -7.60
CA PHE C 80 -6.26 17.58 -6.55
C PHE C 80 -7.64 17.40 -7.11
N GLU C 81 -8.61 17.00 -6.28
CA GLU C 81 -10.01 17.05 -6.74
C GLU C 81 -10.31 18.52 -7.10
N PHE C 82 -11.29 18.70 -7.97
CA PHE C 82 -11.70 20.01 -8.45
C PHE C 82 -12.91 20.46 -7.68
N LEU C 83 -12.86 21.72 -7.25
CA LEU C 83 -13.93 22.38 -6.54
C LEU C 83 -14.25 23.71 -7.24
N HIS C 84 -15.54 24.02 -7.42
CA HIS C 84 -15.96 25.22 -8.17
C HIS C 84 -15.13 26.48 -7.98
N GLN C 85 -15.15 27.03 -6.78
CA GLN C 85 -14.31 28.19 -6.49
C GLN C 85 -13.88 28.26 -5.02
N ASP C 86 -13.13 29.29 -4.70
CA ASP C 86 -12.66 29.51 -3.36
C ASP C 86 -13.62 30.47 -2.74
N LEU C 87 -13.64 30.52 -1.42
CA LEU C 87 -14.57 31.36 -0.66
C LEU C 87 -14.41 32.85 -0.90
N LYS C 88 -13.19 33.29 -1.20
CA LYS C 88 -12.91 34.71 -1.47
C LYS C 88 -13.74 35.09 -2.66
N LYS C 89 -13.62 34.28 -3.71
CA LYS C 89 -14.40 34.51 -4.91
C LYS C 89 -15.90 34.42 -4.65
N PHE C 90 -16.32 33.44 -3.85
CA PHE C 90 -17.72 33.31 -3.54
C PHE C 90 -18.24 34.49 -2.73
N MET C 91 -17.43 35.00 -1.81
CA MET C 91 -17.84 36.16 -1.00
C MET C 91 -18.07 37.39 -1.83
N ASP C 92 -17.15 37.65 -2.75
CA ASP C 92 -17.21 38.83 -3.61
C ASP C 92 -18.39 38.81 -4.58
N ALA C 93 -18.80 37.63 -5.02
CA ALA C 93 -19.95 37.49 -5.93
C ALA C 93 -21.26 37.52 -5.18
N SER C 94 -21.18 37.43 -3.86
CA SER C 94 -22.32 37.44 -2.97
C SER C 94 -22.29 38.70 -2.12
N ALA C 95 -21.21 39.47 -2.22
CA ALA C 95 -21.18 40.77 -1.58
C ALA C 95 -22.37 41.45 -2.22
N LEU C 96 -23.07 42.28 -1.45
CA LEU C 96 -24.29 42.92 -1.92
C LEU C 96 -25.47 42.12 -1.42
N THR C 97 -25.62 40.93 -1.99
CA THR C 97 -26.74 40.07 -1.63
C THR C 97 -26.48 39.50 -0.23
N GLY C 98 -25.20 39.32 0.10
CA GLY C 98 -24.81 38.71 1.36
C GLY C 98 -24.98 37.20 1.31
N ILE C 99 -23.99 36.42 1.76
CA ILE C 99 -24.12 34.95 1.80
C ILE C 99 -25.17 34.63 2.82
N PRO C 100 -26.13 33.76 2.49
CA PRO C 100 -27.25 33.53 3.41
C PRO C 100 -26.73 32.95 4.69
N LEU C 101 -27.43 33.26 5.76
CA LEU C 101 -27.01 32.92 7.10
C LEU C 101 -27.02 31.41 7.39
N PRO C 102 -27.99 30.68 6.91
CA PRO C 102 -27.90 29.22 7.02
C PRO C 102 -26.65 28.69 6.30
N LEU C 103 -26.22 29.37 5.24
CA LEU C 103 -25.05 28.85 4.56
C LEU C 103 -23.77 29.17 5.28
N ILE C 104 -23.69 30.35 5.86
CA ILE C 104 -22.53 30.67 6.68
C ILE C 104 -22.38 29.57 7.72
N LYS C 105 -23.47 29.28 8.43
CA LYS C 105 -23.49 28.33 9.51
C LYS C 105 -23.09 26.97 9.05
N SER C 106 -23.54 26.62 7.87
CA SER C 106 -23.20 25.29 7.31
C SER C 106 -21.73 25.22 7.01
N TYR C 107 -21.19 26.30 6.43
CA TYR C 107 -19.79 26.34 6.07
C TYR C 107 -18.89 26.27 7.29
N LEU C 108 -19.17 27.07 8.29
CA LEU C 108 -18.36 27.06 9.49
C LEU C 108 -18.35 25.69 10.17
N PHE C 109 -19.49 25.03 10.16
CA PHE C 109 -19.69 23.72 10.77
C PHE C 109 -18.80 22.69 10.09
N GLN C 110 -18.70 22.80 8.78
CA GLN C 110 -17.97 21.85 7.97
C GLN C 110 -16.47 22.05 8.14
N LEU C 111 -16.05 23.29 8.00
CA LEU C 111 -14.72 23.73 8.32
C LEU C 111 -14.24 23.33 9.76
N LEU C 112 -15.14 23.30 10.73
CA LEU C 112 -14.75 22.93 12.08
C LEU C 112 -14.64 21.43 12.14
N GLN C 113 -15.33 20.75 11.25
CA GLN C 113 -15.23 19.31 11.21
C GLN C 113 -13.93 18.87 10.53
N GLY C 114 -13.55 19.62 9.52
CA GLY C 114 -12.30 19.41 8.84
C GLY C 114 -11.14 19.73 9.77
N LEU C 115 -11.28 20.79 10.54
CA LEU C 115 -10.26 21.21 11.48
C LEU C 115 -10.09 20.28 12.64
N ALA C 116 -11.18 19.85 13.25
CA ALA C 116 -11.14 18.89 14.33
C ALA C 116 -10.42 17.66 13.88
N PHE C 117 -10.65 17.21 12.64
CA PHE C 117 -9.94 16.06 12.10
C PHE C 117 -8.44 16.38 11.95
N CYS C 118 -8.12 17.58 11.46
CA CYS C 118 -6.71 17.97 11.41
C CYS C 118 -6.02 17.92 12.78
N HIS C 119 -6.65 18.49 13.80
CA HIS C 119 -6.00 18.59 15.09
C HIS C 119 -5.86 17.23 15.78
N SER C 120 -6.87 16.38 15.66
CA SER C 120 -6.78 15.07 16.29
C SER C 120 -5.89 14.10 15.44
N HIS C 121 -5.29 14.63 14.38
CA HIS C 121 -4.27 13.95 13.63
C HIS C 121 -2.95 14.76 13.67
N ARG C 122 -2.80 15.56 14.72
CA ARG C 122 -1.59 16.30 14.95
C ARG C 122 -1.09 17.13 13.75
N VAL C 123 -2.03 17.60 12.94
CA VAL C 123 -1.74 18.56 11.91
C VAL C 123 -2.28 19.94 12.26
N LEU C 124 -1.46 20.95 12.12
CA LEU C 124 -1.85 22.33 12.32
C LEU C 124 -1.79 22.97 10.94
N HIS C 125 -2.86 23.65 10.56
CA HIS C 125 -2.93 24.19 9.23
C HIS C 125 -2.03 25.39 9.09
N ARG C 126 -2.27 26.38 9.95
CA ARG C 126 -1.46 27.58 10.06
C ARG C 126 -1.71 28.75 9.16
N ASP C 127 -2.59 28.59 8.18
CA ASP C 127 -2.80 29.61 7.16
C ASP C 127 -4.23 29.56 6.60
N LEU C 128 -5.21 29.41 7.49
CA LEU C 128 -6.57 29.39 7.07
C LEU C 128 -6.92 30.80 6.64
N LYS C 129 -7.49 30.92 5.46
CA LYS C 129 -7.91 32.20 4.95
C LYS C 129 -8.80 31.86 3.78
N PRO C 130 -9.75 32.73 3.48
CA PRO C 130 -10.73 32.48 2.43
C PRO C 130 -10.20 31.91 1.13
N GLN C 131 -9.14 32.51 0.62
CA GLN C 131 -8.52 32.01 -0.59
C GLN C 131 -8.14 30.51 -0.52
N ASN C 132 -7.91 29.96 0.65
CA ASN C 132 -7.52 28.57 0.80
C ASN C 132 -8.68 27.62 1.18
N LEU C 133 -9.91 28.14 1.14
CA LEU C 133 -11.09 27.32 1.43
C LEU C 133 -11.93 27.19 0.15
N LEU C 134 -12.21 25.98 -0.27
CA LEU C 134 -12.84 25.74 -1.52
C LEU C 134 -14.23 25.17 -1.32
N ILE C 135 -15.17 25.66 -2.13
CA ILE C 135 -16.56 25.20 -2.09
C ILE C 135 -16.87 24.58 -3.41
N ASN C 136 -17.86 23.70 -3.40
CA ASN C 136 -18.38 23.06 -4.60
C ASN C 136 -19.82 23.45 -4.78
N THR C 137 -20.44 23.07 -5.89
CA THR C 137 -21.78 23.52 -6.18
C THR C 137 -22.84 22.87 -5.32
N GLU C 138 -22.50 21.80 -4.59
CA GLU C 138 -23.46 21.03 -3.83
C GLU C 138 -23.62 21.46 -2.38
N GLY C 139 -22.86 22.44 -1.93
CA GLY C 139 -23.00 22.89 -0.57
C GLY C 139 -21.87 22.46 0.34
N ALA C 140 -20.83 21.82 -0.19
CA ALA C 140 -19.73 21.43 0.67
C ALA C 140 -18.67 22.51 0.65
N ILE C 141 -17.82 22.53 1.68
CA ILE C 141 -16.67 23.40 1.73
C ILE C 141 -15.59 22.59 2.39
N LYS C 142 -14.34 22.83 1.98
CA LYS C 142 -13.19 22.05 2.39
C LYS C 142 -11.92 22.89 2.61
N LEU C 143 -11.04 22.39 3.46
CA LEU C 143 -9.81 23.09 3.69
C LEU C 143 -8.84 22.61 2.60
N ALA C 144 -7.98 23.50 2.10
CA ALA C 144 -6.93 23.20 1.13
C ALA C 144 -5.70 24.02 1.42
N ASP C 145 -4.73 23.95 0.52
CA ASP C 145 -3.48 24.66 0.66
C ASP C 145 -2.81 24.35 1.96
N PHE C 146 -2.42 23.11 2.08
CA PHE C 146 -1.75 22.65 3.27
C PHE C 146 -0.24 22.85 3.16
N GLY C 147 0.19 23.73 2.26
CA GLY C 147 1.58 23.92 1.98
C GLY C 147 2.33 24.46 3.16
N LEU C 148 1.64 25.13 4.10
CA LEU C 148 2.31 25.64 5.29
C LEU C 148 1.86 24.88 6.54
N ALA C 149 1.13 23.81 6.36
CA ALA C 149 0.69 23.03 7.50
C ALA C 149 1.85 22.28 8.11
N ARG C 150 1.71 21.94 9.38
CA ARG C 150 2.82 21.30 10.13
C ARG C 150 2.31 20.22 11.06
N ALA C 151 2.98 19.08 11.11
CA ALA C 151 2.69 18.04 12.10
C ALA C 151 3.17 18.57 13.44
N PHE C 152 2.36 18.46 14.50
CA PHE C 152 2.79 18.92 15.83
C PHE C 152 3.01 17.80 16.83
N GLY C 153 3.71 16.77 16.42
CA GLY C 153 4.04 15.69 17.32
C GLY C 153 5.03 16.21 18.35
N VAL C 154 5.74 17.25 17.97
CA VAL C 154 6.65 17.96 18.86
C VAL C 154 6.24 19.39 18.59
N PRO C 155 6.18 20.25 19.59
CA PRO C 155 5.59 21.58 19.36
C PRO C 155 6.26 22.37 18.23
N VAL C 156 5.46 23.14 17.49
CA VAL C 156 5.88 23.82 16.29
C VAL C 156 6.37 25.21 16.64
N ARG C 157 7.61 25.45 16.24
CA ARG C 157 8.29 26.66 16.64
C ARG C 157 7.75 27.75 15.75
N THR C 158 7.45 28.87 16.39
CA THR C 158 7.05 30.05 15.65
C THR C 158 8.20 30.64 14.79
N TYR C 159 7.90 31.12 13.59
CA TYR C 159 8.97 31.72 12.79
C TYR C 159 9.23 33.13 13.23
N THR C 160 10.49 33.50 13.10
CA THR C 160 11.00 34.83 13.42
C THR C 160 10.55 35.89 12.41
N HIS C 161 9.24 35.94 12.15
CA HIS C 161 8.60 36.86 11.22
C HIS C 161 8.55 36.27 9.83
N GLU C 162 7.36 36.24 9.24
CA GLU C 162 7.15 35.74 7.88
C GLU C 162 6.51 36.76 6.92
N VAL C 163 6.51 36.45 5.62
CA VAL C 163 6.00 37.32 4.54
C VAL C 163 4.62 36.85 4.02
N VAL C 164 3.63 36.80 4.91
CA VAL C 164 2.32 36.35 4.49
C VAL C 164 1.28 37.33 4.97
N THR C 165 0.12 37.38 4.32
CA THR C 165 -0.95 38.27 4.77
C THR C 165 -1.28 37.93 6.21
N LEU C 166 -1.49 38.99 6.99
CA LEU C 166 -1.65 38.92 8.43
C LEU C 166 -3.08 38.95 8.96
N TRP C 167 -4.03 39.16 8.07
CA TRP C 167 -5.42 39.42 8.42
C TRP C 167 -6.03 38.36 9.32
N TYR C 168 -5.53 37.13 9.18
CA TYR C 168 -6.08 35.98 9.87
C TYR C 168 -5.11 35.36 10.84
N ARG C 169 -4.16 36.18 11.28
CA ARG C 169 -3.14 35.72 12.20
C ARG C 169 -3.50 35.98 13.64
N ALA C 170 -3.35 34.96 14.47
CA ALA C 170 -3.71 35.04 15.89
C ALA C 170 -2.80 36.00 16.67
N PRO C 171 -3.26 36.65 17.73
CA PRO C 171 -2.47 37.68 18.39
C PRO C 171 -1.32 37.17 19.21
N GLU C 172 -1.34 35.91 19.63
CA GLU C 172 -0.20 35.35 20.35
C GLU C 172 1.00 35.35 19.44
N ILE C 173 0.74 35.07 18.16
CA ILE C 173 1.79 34.99 17.17
C ILE C 173 2.38 36.36 17.02
N LEU C 174 1.50 37.34 16.80
CA LEU C 174 1.86 38.73 16.65
C LEU C 174 2.55 39.35 17.84
N LEU C 175 2.30 38.80 19.02
CA LEU C 175 2.89 39.30 20.26
C LEU C 175 4.14 38.53 20.62
N GLY C 176 4.57 37.64 19.72
CA GLY C 176 5.84 36.96 19.79
C GLY C 176 5.87 35.66 20.54
N CYS C 177 4.85 34.82 20.48
CA CYS C 177 4.89 33.57 21.24
C CYS C 177 5.86 32.66 20.50
N LYS C 178 6.48 31.75 21.24
CA LYS C 178 7.47 30.81 20.74
C LYS C 178 6.89 29.61 19.98
N TYR C 179 5.69 29.21 20.33
CA TYR C 179 5.09 28.06 19.70
C TYR C 179 3.66 28.31 19.23
N TYR C 180 3.33 27.65 18.15
CA TYR C 180 1.96 27.66 17.69
C TYR C 180 1.22 26.66 18.55
N SER C 181 -0.10 26.72 18.51
CA SER C 181 -0.94 25.74 19.16
C SER C 181 -2.10 25.72 18.22
N THR C 182 -3.03 24.78 18.36
CA THR C 182 -4.21 24.65 17.46
C THR C 182 -5.13 25.87 17.47
N ALA C 183 -5.04 26.60 18.57
CA ALA C 183 -5.79 27.81 18.77
C ALA C 183 -5.53 28.77 17.64
N VAL C 184 -4.43 28.68 16.90
CA VAL C 184 -4.28 29.66 15.80
C VAL C 184 -5.24 29.42 14.65
N ASP C 185 -5.63 28.18 14.45
CA ASP C 185 -6.55 27.83 13.38
C ASP C 185 -7.99 28.29 13.74
N ILE C 186 -8.35 28.13 14.99
CA ILE C 186 -9.61 28.57 15.53
C ILE C 186 -9.80 30.09 15.38
N TRP C 187 -8.76 30.85 15.72
CA TRP C 187 -8.72 32.29 15.48
C TRP C 187 -8.97 32.60 14.03
N SER C 188 -8.25 31.94 13.17
CA SER C 188 -8.45 32.20 11.74
C SER C 188 -9.87 31.97 11.35
N LEU C 189 -10.43 30.83 11.69
CA LEU C 189 -11.84 30.51 11.41
C LEU C 189 -12.84 31.49 12.04
N GLY C 190 -12.49 32.04 13.17
CA GLY C 190 -13.30 33.06 13.78
C GLY C 190 -13.33 34.29 12.88
N CYS C 191 -12.15 34.68 12.40
CA CYS C 191 -12.05 35.84 11.49
C CYS C 191 -12.86 35.62 10.24
N ILE C 192 -12.82 34.41 9.69
CA ILE C 192 -13.51 34.08 8.45
C ILE C 192 -15.03 34.06 8.67
N PHE C 193 -15.44 33.62 9.86
CA PHE C 193 -16.83 33.59 10.26
C PHE C 193 -17.40 34.99 10.19
N ALA C 194 -16.73 35.90 10.85
CA ALA C 194 -17.15 37.29 10.86
C ALA C 194 -17.16 37.89 9.45
N GLU C 195 -16.13 37.57 8.68
CA GLU C 195 -16.04 38.06 7.33
C GLU C 195 -17.23 37.65 6.47
N MET C 196 -17.72 36.44 6.65
CA MET C 196 -18.84 35.96 5.87
C MET C 196 -20.09 36.72 6.26
N VAL C 197 -20.15 37.12 7.52
CA VAL C 197 -21.36 37.72 8.05
C VAL C 197 -21.44 39.18 7.64
N THR C 198 -20.33 39.88 7.82
CA THR C 198 -20.27 41.32 7.55
C THR C 198 -19.84 41.65 6.14
N ARG C 199 -19.53 40.66 5.32
CA ARG C 199 -19.11 40.89 3.95
C ARG C 199 -17.83 41.69 3.80
N ARG C 200 -17.06 41.74 4.88
CA ARG C 200 -15.87 42.59 4.96
C ARG C 200 -14.86 41.87 5.86
N ALA C 201 -13.58 42.00 5.57
CA ALA C 201 -12.57 41.35 6.39
C ALA C 201 -12.58 42.01 7.75
N LEU C 202 -12.46 41.21 8.80
CA LEU C 202 -12.52 41.70 10.16
C LEU C 202 -11.34 42.54 10.53
N PHE C 203 -10.15 41.99 10.36
CA PHE C 203 -8.94 42.65 10.80
C PHE C 203 -8.00 42.75 9.65
N PRO C 204 -8.20 43.67 8.74
CA PRO C 204 -7.33 43.84 7.57
C PRO C 204 -6.03 44.58 7.96
N GLY C 205 -5.07 43.94 8.65
CA GLY C 205 -3.82 44.57 8.95
C GLY C 205 -2.84 44.69 7.79
N ASP C 206 -2.31 45.90 7.66
CA ASP C 206 -1.35 46.18 6.60
C ASP C 206 0.09 45.87 7.00
N SER C 207 0.29 45.65 8.30
CA SER C 207 1.55 45.34 8.93
C SER C 207 1.26 44.72 10.27
N GLU C 208 2.29 44.26 10.95
CA GLU C 208 2.11 43.62 12.22
C GLU C 208 1.57 44.58 13.25
N ILE C 209 2.02 45.83 13.24
CA ILE C 209 1.55 46.73 14.25
C ILE C 209 0.10 47.13 13.96
N ASP C 210 -0.23 47.38 12.70
CA ASP C 210 -1.57 47.75 12.35
C ASP C 210 -2.54 46.63 12.64
N GLN C 211 -2.09 45.41 12.38
CA GLN C 211 -2.85 44.19 12.56
C GLN C 211 -3.18 44.01 14.04
N LEU C 212 -2.23 44.25 14.90
CA LEU C 212 -2.60 44.16 16.29
C LEU C 212 -3.58 45.27 16.67
N PHE C 213 -3.36 46.47 16.13
CA PHE C 213 -4.18 47.60 16.47
C PHE C 213 -5.59 47.39 15.95
N ARG C 214 -5.70 46.86 14.76
CA ARG C 214 -7.02 46.56 14.27
C ARG C 214 -7.71 45.55 15.17
N ILE C 215 -6.92 44.66 15.80
CA ILE C 215 -7.51 43.75 16.75
C ILE C 215 -7.86 44.49 18.03
N PHE C 216 -6.99 45.39 18.51
CA PHE C 216 -7.18 46.09 19.80
C PHE C 216 -8.47 46.93 19.71
N ARG C 217 -8.81 47.39 18.51
CA ARG C 217 -9.98 48.26 18.36
C ARG C 217 -11.30 47.56 18.53
N THR C 218 -11.37 46.31 18.09
CA THR C 218 -12.60 45.58 18.19
C THR C 218 -12.70 44.89 19.51
N LEU C 219 -11.64 44.22 19.94
CA LEU C 219 -11.71 43.36 21.10
C LEU C 219 -11.20 44.02 22.35
N GLY C 220 -10.70 45.25 22.19
CA GLY C 220 -10.13 45.96 23.31
C GLY C 220 -8.69 45.54 23.47
N THR C 221 -7.91 46.40 24.10
CA THR C 221 -6.52 46.06 24.28
C THR C 221 -6.42 45.01 25.36
N PRO C 222 -5.73 43.90 25.10
CA PRO C 222 -5.61 42.81 26.07
C PRO C 222 -4.90 43.21 27.36
N ASP C 223 -5.26 42.60 28.47
CA ASP C 223 -4.64 42.94 29.75
C ASP C 223 -4.45 41.66 30.59
N GLU C 224 -3.65 41.74 31.64
CA GLU C 224 -3.31 40.54 32.38
C GLU C 224 -4.53 39.82 32.90
N VAL C 225 -5.65 40.51 33.01
CA VAL C 225 -6.84 39.88 33.55
C VAL C 225 -7.45 38.99 32.48
N VAL C 226 -7.56 39.53 31.28
CA VAL C 226 -8.16 38.81 30.17
C VAL C 226 -7.21 37.69 29.72
N TRP C 227 -5.91 37.89 29.90
CA TRP C 227 -4.90 36.98 29.37
C TRP C 227 -3.63 36.99 30.23
N PRO C 228 -3.54 36.13 31.23
CA PRO C 228 -2.32 36.07 32.03
C PRO C 228 -1.10 35.87 31.13
N GLY C 229 -0.09 36.73 31.22
CA GLY C 229 1.16 36.63 30.47
C GLY C 229 1.45 37.68 29.39
N VAL C 230 0.40 38.27 28.86
CA VAL C 230 0.51 39.11 27.70
C VAL C 230 1.52 40.23 27.86
N THR C 231 1.54 40.92 29.00
CA THR C 231 2.42 42.10 29.16
C THR C 231 3.89 41.73 29.29
N SER C 232 4.18 40.44 29.37
CA SER C 232 5.56 39.96 29.43
C SER C 232 5.98 39.35 28.10
N MET C 233 5.12 39.42 27.10
CA MET C 233 5.41 38.80 25.79
C MET C 233 6.35 39.71 25.05
N PRO C 234 7.20 39.14 24.19
CA PRO C 234 8.24 39.91 23.51
C PRO C 234 7.84 41.12 22.69
N ASP C 235 6.62 41.15 22.19
CA ASP C 235 6.19 42.25 21.34
C ASP C 235 5.01 43.06 21.87
N TYR C 236 4.67 42.80 23.13
CA TYR C 236 3.79 43.69 23.88
C TYR C 236 4.59 44.95 24.21
N LYS C 237 3.95 46.09 24.00
CA LYS C 237 4.53 47.38 24.31
C LYS C 237 3.60 48.06 25.31
N PRO C 238 4.15 48.54 26.41
CA PRO C 238 3.32 49.32 27.34
C PRO C 238 2.76 50.63 26.70
N SER C 239 3.33 51.06 25.57
CA SER C 239 2.83 52.21 24.86
C SER C 239 1.54 51.91 24.10
N PHE C 240 1.11 50.65 24.06
CA PHE C 240 -0.13 50.36 23.36
C PHE C 240 -1.24 51.24 23.91
N PRO C 241 -2.17 51.66 23.06
CA PRO C 241 -3.33 52.43 23.55
C PRO C 241 -4.16 51.49 24.39
N LYS C 242 -4.85 52.01 25.39
CA LYS C 242 -5.68 51.17 26.21
C LYS C 242 -7.08 51.36 25.73
N TRP C 243 -7.55 50.38 24.97
CA TRP C 243 -8.86 50.45 24.38
C TRP C 243 -9.88 49.46 24.95
N ALA C 244 -11.14 49.85 24.88
CA ALA C 244 -12.18 49.04 25.48
C ALA C 244 -12.88 48.09 24.50
N ARG C 245 -13.27 46.94 25.04
CA ARG C 245 -13.98 45.96 24.24
C ARG C 245 -15.32 46.58 23.85
N GLN C 246 -15.62 46.54 22.56
CA GLN C 246 -16.88 47.07 22.14
C GLN C 246 -17.80 45.89 21.85
N ASP C 247 -19.08 46.07 22.12
CA ASP C 247 -19.97 44.93 22.13
C ASP C 247 -20.15 44.30 20.78
N PHE C 248 -20.10 42.97 20.78
CA PHE C 248 -20.25 42.18 19.58
C PHE C 248 -21.55 42.56 18.92
N SER C 249 -22.54 42.85 19.76
CA SER C 249 -23.79 43.39 19.27
C SER C 249 -23.56 44.25 18.04
N LYS C 250 -22.42 44.92 17.93
CA LYS C 250 -22.17 45.82 16.80
C LYS C 250 -20.90 45.51 16.01
N VAL C 251 -20.32 44.34 16.26
CA VAL C 251 -19.24 43.74 15.47
C VAL C 251 -19.88 42.85 14.39
N VAL C 252 -20.94 42.15 14.76
CA VAL C 252 -21.63 41.29 13.83
C VAL C 252 -23.13 41.34 14.06
N PRO C 253 -23.74 42.49 13.80
CA PRO C 253 -25.17 42.69 14.02
C PRO C 253 -26.08 41.59 13.54
N PRO C 254 -25.86 40.99 12.39
CA PRO C 254 -26.75 39.96 11.92
C PRO C 254 -26.71 38.65 12.66
N LEU C 255 -25.77 38.48 13.57
CA LEU C 255 -25.60 37.19 14.15
C LEU C 255 -26.51 37.11 15.37
N ASP C 256 -26.97 35.92 15.67
CA ASP C 256 -27.86 35.78 16.77
C ASP C 256 -27.06 35.62 18.04
N GLU C 257 -27.78 35.53 19.13
CA GLU C 257 -27.21 35.26 20.44
C GLU C 257 -26.29 34.04 20.42
N ASP C 258 -26.66 32.96 19.74
CA ASP C 258 -25.77 31.78 19.74
C ASP C 258 -24.53 32.04 18.92
N GLY C 259 -24.72 32.71 17.80
CA GLY C 259 -23.57 33.07 17.00
C GLY C 259 -22.60 33.98 17.72
N ARG C 260 -23.08 35.04 18.34
CA ARG C 260 -22.20 35.93 19.09
C ARG C 260 -21.41 35.17 20.16
N SER C 261 -22.08 34.29 20.90
CA SER C 261 -21.40 33.47 21.89
C SER C 261 -20.27 32.65 21.26
N LEU C 262 -20.50 32.05 20.10
CA LEU C 262 -19.50 31.19 19.53
C LEU C 262 -18.29 32.00 19.00
N LEU C 263 -18.58 33.05 18.26
CA LEU C 263 -17.54 33.92 17.74
C LEU C 263 -16.62 34.48 18.83
N SER C 264 -17.21 34.79 19.98
CA SER C 264 -16.44 35.36 21.07
C SER C 264 -15.53 34.32 21.71
N GLN C 265 -15.95 33.07 21.66
CA GLN C 265 -15.15 31.96 22.12
C GLN C 265 -14.02 31.61 21.16
N MET C 266 -14.31 31.74 19.87
CA MET C 266 -13.29 31.58 18.82
C MET C 266 -12.32 32.77 18.78
N LEU C 267 -12.67 33.94 19.30
CA LEU C 267 -11.76 35.07 19.32
C LEU C 267 -11.28 35.43 20.72
N HIS C 268 -11.23 34.46 21.64
CA HIS C 268 -10.69 34.70 22.97
C HIS C 268 -9.25 35.11 22.82
N TYR C 269 -8.78 36.06 23.64
CA TYR C 269 -7.36 36.41 23.52
C TYR C 269 -6.47 35.21 23.88
N ASP C 270 -6.70 34.67 25.06
CA ASP C 270 -5.86 33.63 25.62
C ASP C 270 -6.05 32.33 24.85
N PRO C 271 -5.01 31.89 24.20
CA PRO C 271 -5.03 30.68 23.39
C PRO C 271 -5.36 29.42 24.14
N ASN C 272 -5.16 29.43 25.44
CA ASN C 272 -5.53 28.33 26.31
C ASN C 272 -7.02 28.28 26.62
N LYS C 273 -7.71 29.40 26.44
CA LYS C 273 -9.12 29.50 26.78
C LYS C 273 -10.00 29.49 25.52
N ARG C 274 -9.42 29.87 24.40
CA ARG C 274 -10.05 29.80 23.10
C ARG C 274 -10.67 28.45 22.81
N ILE C 275 -11.90 28.45 22.30
CA ILE C 275 -12.61 27.20 22.13
C ILE C 275 -11.86 26.31 21.13
N SER C 276 -11.79 25.01 21.38
CA SER C 276 -11.21 24.08 20.41
C SER C 276 -12.25 23.84 19.34
N ALA C 277 -11.84 23.23 18.25
CA ALA C 277 -12.77 22.95 17.16
C ALA C 277 -13.80 21.94 17.61
N LYS C 278 -13.35 20.95 18.38
CA LYS C 278 -14.27 19.92 18.86
C LYS C 278 -15.40 20.50 19.72
N ALA C 279 -15.09 21.35 20.70
CA ALA C 279 -16.14 21.99 21.48
C ALA C 279 -16.96 23.04 20.66
N ALA C 280 -16.32 23.71 19.71
CA ALA C 280 -17.10 24.55 18.81
C ALA C 280 -18.17 23.72 18.17
N LEU C 281 -17.80 22.54 17.66
CA LEU C 281 -18.84 21.72 17.03
C LEU C 281 -20.10 21.43 17.88
N ALA C 282 -19.93 21.44 19.19
CA ALA C 282 -20.95 21.06 20.16
C ALA C 282 -21.69 22.26 20.68
N HIS C 283 -21.39 23.43 20.13
CA HIS C 283 -22.04 24.67 20.52
C HIS C 283 -23.49 24.70 20.02
N PRO C 284 -24.40 25.25 20.81
CA PRO C 284 -25.82 25.31 20.44
C PRO C 284 -26.15 25.89 19.08
N PHE C 285 -25.37 26.86 18.62
CA PHE C 285 -25.43 27.44 17.27
C PHE C 285 -25.52 26.39 16.16
N PHE C 286 -24.88 25.24 16.34
CA PHE C 286 -25.06 24.21 15.34
C PHE C 286 -26.21 23.21 15.54
N GLN C 287 -27.07 23.40 16.54
CA GLN C 287 -28.16 22.47 16.77
C GLN C 287 -29.14 22.44 15.63
N ASP C 288 -29.22 23.50 14.85
CA ASP C 288 -30.10 23.56 13.68
C ASP C 288 -29.35 23.79 12.36
N VAL C 289 -28.16 23.20 12.24
CA VAL C 289 -27.41 23.27 11.01
C VAL C 289 -28.11 22.52 9.92
N THR C 290 -28.10 23.12 8.73
CA THR C 290 -28.70 22.51 7.56
C THR C 290 -27.64 22.53 6.46
N LYS C 291 -27.99 22.04 5.28
CA LYS C 291 -27.04 22.00 4.18
C LYS C 291 -27.58 22.72 2.95
N PRO C 292 -27.60 24.04 2.94
CA PRO C 292 -28.02 24.78 1.77
C PRO C 292 -26.97 24.70 0.64
N VAL C 293 -27.45 25.06 -0.55
CA VAL C 293 -26.64 25.02 -1.74
C VAL C 293 -26.43 26.43 -2.16
N PRO C 294 -25.22 26.76 -2.53
CA PRO C 294 -24.92 28.15 -2.89
C PRO C 294 -25.50 28.48 -4.23
N HIS C 295 -25.89 29.73 -4.40
CA HIS C 295 -26.29 30.27 -5.70
C HIS C 295 -24.98 30.70 -6.32
N LEU C 296 -24.61 30.10 -7.45
CA LEU C 296 -23.36 30.42 -8.15
C LEU C 296 -23.47 31.22 -9.46
N ASN D 1 -3.01 17.68 34.67
CA ASN D 1 -4.02 18.73 34.36
C ASN D 1 -3.58 19.59 33.16
N GLU D 2 -4.55 20.05 32.37
CA GLU D 2 -4.32 21.00 31.26
C GLU D 2 -4.01 20.23 29.97
N VAL D 3 -4.73 19.14 29.75
CA VAL D 3 -4.55 18.29 28.59
C VAL D 3 -5.65 18.57 27.57
N PRO D 4 -5.29 18.95 26.34
CA PRO D 4 -6.26 19.27 25.27
C PRO D 4 -7.27 18.15 25.01
N ASP D 5 -8.37 18.47 24.34
CA ASP D 5 -9.41 17.47 24.13
C ASP D 5 -9.16 16.59 22.92
N TYR D 6 -8.08 16.85 22.20
CA TYR D 6 -7.61 16.05 21.07
C TYR D 6 -6.30 15.32 21.39
N HIS D 7 -5.80 15.45 22.61
CA HIS D 7 -4.54 14.85 23.02
C HIS D 7 -4.55 13.32 23.02
N GLU D 8 -5.60 12.72 23.54
CA GLU D 8 -5.66 11.26 23.63
C GLU D 8 -5.80 10.66 22.24
N ASP D 9 -6.57 11.35 21.40
CA ASP D 9 -6.78 10.92 20.04
C ASP D 9 -5.45 10.95 19.34
N ILE D 10 -4.67 12.00 19.57
CA ILE D 10 -3.34 12.04 18.98
C ILE D 10 -2.52 10.79 19.35
N HIS D 11 -2.39 10.49 20.62
CA HIS D 11 -1.65 9.33 21.06
C HIS D 11 -2.11 8.08 20.36
N THR D 12 -3.41 7.86 20.27
CA THR D 12 -3.93 6.70 19.58
C THR D 12 -3.41 6.65 18.17
N TYR D 13 -3.58 7.75 17.45
CA TYR D 13 -3.18 7.86 16.06
C TYR D 13 -1.67 7.69 15.91
N LEU D 14 -0.88 8.37 16.72
CA LEU D 14 0.54 8.14 16.74
C LEU D 14 0.86 6.66 16.98
N ARG D 15 0.21 6.06 17.95
CA ARG D 15 0.46 4.67 18.32
C ARG D 15 0.09 3.66 17.23
N GLU D 16 -0.73 4.14 16.30
CA GLU D 16 -1.21 3.40 15.15
C GLU D 16 -0.25 3.64 13.99
N MET D 17 0.28 4.85 13.89
CA MET D 17 1.20 5.18 12.82
C MET D 17 2.62 4.69 13.03
N GLU D 18 3.02 4.40 14.27
CA GLU D 18 4.36 3.87 14.52
C GLU D 18 4.57 2.43 13.99
N VAL D 19 3.48 1.67 13.92
CA VAL D 19 3.49 0.29 13.40
C VAL D 19 3.34 0.32 11.89
N LYS D 20 3.15 1.51 11.34
CA LYS D 20 3.14 1.65 9.87
C LYS D 20 4.40 2.34 9.31
N CYS D 21 5.19 3.01 10.17
CA CYS D 21 6.49 3.58 9.78
C CYS D 21 7.63 2.71 10.35
N LYS D 22 7.30 1.46 10.70
CA LYS D 22 8.28 0.55 11.31
C LYS D 22 9.10 -0.09 10.18
N PRO D 23 10.40 0.16 10.22
CA PRO D 23 11.36 -0.51 9.34
C PRO D 23 11.18 -2.01 9.47
N LYS D 24 11.53 -2.77 8.44
CA LYS D 24 11.43 -4.22 8.54
C LYS D 24 12.53 -4.69 9.43
N VAL D 25 12.26 -5.75 10.20
CA VAL D 25 13.28 -6.25 11.12
C VAL D 25 14.27 -7.16 10.42
N GLY D 26 15.53 -7.03 10.80
CA GLY D 26 16.61 -7.80 10.15
C GLY D 26 16.85 -7.49 8.67
N TYR D 27 16.56 -6.23 8.33
CA TYR D 27 16.73 -5.75 6.96
C TYR D 27 18.22 -5.76 6.61
N MET D 28 19.08 -5.85 7.59
CA MET D 28 20.52 -5.83 7.37
C MET D 28 21.13 -7.25 7.43
N LYS D 29 20.34 -8.30 7.15
CA LYS D 29 20.81 -9.67 6.92
C LYS D 29 20.55 -9.96 5.41
N LYS D 30 19.73 -9.08 4.84
CA LYS D 30 19.38 -9.03 3.41
C LYS D 30 20.06 -7.89 2.62
N GLN D 31 20.95 -7.12 3.23
CA GLN D 31 21.68 -6.07 2.51
C GLN D 31 23.07 -6.62 2.20
N PRO D 32 23.37 -6.95 0.96
CA PRO D 32 24.66 -7.58 0.66
C PRO D 32 25.93 -6.79 0.97
N ASP D 33 25.95 -5.47 0.78
CA ASP D 33 27.19 -4.72 0.84
C ASP D 33 27.24 -3.74 2.00
N ILE D 34 26.16 -3.72 2.78
CA ILE D 34 26.13 -2.91 3.96
C ILE D 34 25.78 -3.68 5.19
N THR D 35 26.07 -2.99 6.29
CA THR D 35 26.09 -3.55 7.63
C THR D 35 25.56 -2.61 8.72
N ASN D 36 25.19 -3.16 9.87
CA ASN D 36 24.75 -2.38 11.01
C ASN D 36 25.81 -1.41 11.47
N SER D 37 27.05 -1.89 11.55
CA SER D 37 28.12 -1.00 11.98
C SER D 37 28.41 0.17 11.06
N MET D 38 28.01 0.07 9.78
CA MET D 38 28.14 1.20 8.83
C MET D 38 26.98 2.14 9.05
N ARG D 39 25.83 1.59 9.40
CA ARG D 39 24.66 2.40 9.69
C ARG D 39 24.98 3.19 10.98
N ALA D 40 25.61 2.51 11.95
CA ALA D 40 26.01 3.18 13.18
C ALA D 40 26.83 4.37 12.84
N ILE D 41 27.76 4.20 11.91
CA ILE D 41 28.64 5.27 11.48
C ILE D 41 27.87 6.36 10.79
N LEU D 42 26.87 5.99 10.01
CA LEU D 42 26.12 6.99 9.25
C LEU D 42 25.30 7.87 10.15
N VAL D 43 24.56 7.19 11.04
CA VAL D 43 23.70 7.87 12.00
C VAL D 43 24.51 8.77 12.86
N ASP D 44 25.68 8.30 13.27
CA ASP D 44 26.57 9.11 14.11
C ASP D 44 27.03 10.35 13.38
N TRP D 45 27.24 10.28 12.08
CA TRP D 45 27.64 11.46 11.31
C TRP D 45 26.45 12.42 11.18
N LEU D 46 25.23 11.90 11.01
CA LEU D 46 24.04 12.76 10.98
C LEU D 46 23.90 13.58 12.27
N VAL D 47 24.23 12.94 13.38
CA VAL D 47 24.21 13.67 14.61
C VAL D 47 25.12 14.91 14.49
N GLU D 48 26.38 14.71 14.12
CA GLU D 48 27.25 15.85 13.92
C GLU D 48 26.55 16.87 13.06
N VAL D 49 26.19 16.48 11.84
CA VAL D 49 25.53 17.34 10.84
C VAL D 49 24.40 18.11 11.50
N GLY D 50 23.65 17.46 12.36
CA GLY D 50 22.63 18.13 13.13
C GLY D 50 23.17 19.20 14.06
N GLU D 51 24.28 18.90 14.71
CA GLU D 51 24.90 19.87 15.60
C GLU D 51 25.57 20.99 14.83
N GLU D 52 26.34 20.62 13.82
CA GLU D 52 26.96 21.62 12.99
C GLU D 52 25.90 22.54 12.40
N TYR D 53 24.70 22.08 12.05
CA TYR D 53 23.74 22.98 11.41
C TYR D 53 22.60 23.48 12.33
N LYS D 54 22.69 23.11 13.60
CA LYS D 54 21.76 23.56 14.60
C LYS D 54 20.32 23.21 14.20
N LEU D 55 20.17 21.95 13.79
CA LEU D 55 18.90 21.38 13.45
C LEU D 55 18.27 20.84 14.71
N GLN D 56 16.96 20.67 14.66
CA GLN D 56 16.22 20.12 15.76
C GLN D 56 16.50 18.63 15.88
N ASN D 57 16.36 18.09 17.09
CA ASN D 57 16.55 16.67 17.28
C ASN D 57 15.49 15.82 16.58
N GLU D 58 14.34 16.41 16.34
CA GLU D 58 13.24 15.76 15.64
C GLU D 58 13.65 15.41 14.23
N THR D 59 14.33 16.33 13.59
CA THR D 59 14.80 16.11 12.26
C THR D 59 15.70 14.88 12.21
N LEU D 60 16.66 14.82 13.13
CA LEU D 60 17.56 13.69 13.17
C LEU D 60 16.71 12.39 13.31
N HIS D 61 15.79 12.36 14.28
CA HIS D 61 14.99 11.16 14.47
C HIS D 61 14.25 10.78 13.18
N LEU D 62 13.70 11.76 12.46
CA LEU D 62 13.02 11.50 11.19
C LEU D 62 13.94 10.94 10.10
N ALA D 63 14.99 11.66 9.78
CA ALA D 63 15.98 11.16 8.87
C ALA D 63 16.30 9.70 9.12
N VAL D 64 16.49 9.29 10.38
CA VAL D 64 16.87 7.93 10.62
C VAL D 64 15.76 6.97 10.20
N ASN D 65 14.53 7.42 10.40
CA ASN D 65 13.37 6.62 10.06
C ASN D 65 13.28 6.54 8.55
N TYR D 66 13.65 7.60 7.83
CA TYR D 66 13.66 7.55 6.38
C TYR D 66 14.69 6.54 5.83
N ILE D 67 15.91 6.66 6.29
CA ILE D 67 16.98 5.74 5.97
C ILE D 67 16.61 4.29 6.26
N ASP D 68 16.18 3.98 7.47
CA ASP D 68 15.78 2.62 7.74
C ASP D 68 14.65 2.06 6.90
N ARG D 69 13.73 2.90 6.46
CA ARG D 69 12.64 2.41 5.63
C ARG D 69 13.07 2.28 4.18
N PHE D 70 13.99 3.14 3.75
CA PHE D 70 14.54 3.08 2.44
C PHE D 70 15.42 1.84 2.31
N LEU D 71 16.29 1.59 3.30
CA LEU D 71 17.15 0.40 3.27
C LEU D 71 16.45 -0.94 3.49
N SER D 72 15.16 -0.91 3.84
CA SER D 72 14.34 -2.11 4.00
C SER D 72 13.77 -2.62 2.68
N SER D 73 13.76 -1.80 1.63
CA SER D 73 13.22 -2.23 0.33
C SER D 73 14.13 -2.11 -0.87
N MET D 74 15.29 -1.49 -0.70
CA MET D 74 16.23 -1.30 -1.80
C MET D 74 17.67 -1.48 -1.36
N SER D 75 18.38 -2.41 -2.00
CA SER D 75 19.81 -2.67 -1.67
C SER D 75 20.61 -1.44 -2.01
N VAL D 76 21.60 -1.14 -1.19
CA VAL D 76 22.46 0.03 -1.45
C VAL D 76 23.90 -0.34 -1.25
N LEU D 77 24.76 0.13 -2.14
CA LEU D 77 26.18 -0.15 -2.06
C LEU D 77 26.82 0.80 -1.10
N ARG D 78 27.83 0.31 -0.42
CA ARG D 78 28.47 1.03 0.68
C ARG D 78 28.83 2.49 0.34
N GLY D 79 29.34 2.74 -0.86
CA GLY D 79 29.66 4.09 -1.32
C GLY D 79 28.49 5.01 -1.67
N LYS D 80 27.28 4.47 -1.61
CA LYS D 80 26.11 5.32 -1.79
C LYS D 80 25.35 5.43 -0.48
N LEU D 81 25.86 4.86 0.59
CA LEU D 81 25.14 4.90 1.85
C LEU D 81 25.01 6.29 2.43
N GLN D 82 26.02 7.11 2.16
CA GLN D 82 26.05 8.44 2.71
C GLN D 82 25.14 9.30 1.91
N LEU D 83 24.90 8.93 0.67
CA LEU D 83 23.94 9.68 -0.14
C LEU D 83 22.47 9.41 0.27
N VAL D 84 22.10 8.16 0.56
CA VAL D 84 20.77 7.93 1.12
C VAL D 84 20.61 8.78 2.40
N GLY D 85 21.61 8.77 3.24
CA GLY D 85 21.56 9.57 4.44
C GLY D 85 21.46 11.07 4.25
N THR D 86 22.17 11.61 3.26
CA THR D 86 22.13 13.05 3.03
C THR D 86 20.80 13.50 2.48
N ALA D 87 20.30 12.75 1.51
CA ALA D 87 18.98 12.99 0.99
C ALA D 87 17.93 12.92 2.10
N ALA D 88 18.10 11.98 3.02
CA ALA D 88 17.15 11.76 4.09
C ALA D 88 17.17 12.97 5.00
N MET D 89 18.33 13.37 5.44
CA MET D 89 18.49 14.52 6.30
C MET D 89 17.90 15.77 5.67
N LEU D 90 18.08 15.90 4.36
CA LEU D 90 17.49 16.98 3.60
C LEU D 90 15.96 16.93 3.66
N LEU D 91 15.40 15.75 3.63
CA LEU D 91 13.97 15.63 3.57
C LEU D 91 13.48 15.89 4.97
N ALA D 92 14.09 15.22 5.92
CA ALA D 92 13.63 15.50 7.27
C ALA D 92 13.65 17.03 7.59
N SER D 93 14.68 17.70 7.08
CA SER D 93 14.88 19.12 7.29
C SER D 93 13.83 19.94 6.65
N LYS D 94 13.41 19.55 5.45
CA LYS D 94 12.36 20.29 4.79
C LYS D 94 11.03 20.20 5.53
N PHE D 95 10.78 19.01 6.05
CA PHE D 95 9.56 18.72 6.76
C PHE D 95 9.53 19.33 8.14
N GLU D 96 10.64 19.29 8.85
CA GLU D 96 10.57 19.65 10.26
C GLU D 96 11.14 21.02 10.64
N GLU D 97 12.07 21.52 9.81
CA GLU D 97 12.72 22.79 10.10
C GLU D 97 11.97 24.00 9.57
N ILE D 98 12.18 25.08 10.28
CA ILE D 98 11.65 26.36 9.90
C ILE D 98 12.26 26.78 8.57
N TYR D 99 13.57 26.75 8.49
CA TYR D 99 14.26 27.08 7.26
C TYR D 99 15.36 26.06 7.23
N PRO D 100 15.28 25.13 6.29
CA PRO D 100 16.32 24.10 6.17
C PRO D 100 17.58 24.65 5.50
N PRO D 101 18.71 23.99 5.68
CA PRO D 101 19.90 24.40 4.97
C PRO D 101 19.66 24.12 3.51
N GLU D 102 20.26 24.90 2.61
CA GLU D 102 20.14 24.66 1.16
C GLU D 102 20.85 23.39 0.72
N VAL D 103 20.45 22.85 -0.42
CA VAL D 103 21.05 21.61 -0.88
C VAL D 103 22.55 21.70 -0.99
N ALA D 104 23.08 22.85 -1.42
CA ALA D 104 24.52 22.99 -1.61
C ALA D 104 25.25 22.70 -0.32
N GLU D 105 24.59 22.97 0.80
CA GLU D 105 25.18 22.67 2.08
C GLU D 105 25.21 21.18 2.29
N PHE D 106 24.19 20.49 1.81
CA PHE D 106 24.12 19.05 2.01
C PHE D 106 25.17 18.32 1.19
N VAL D 107 25.49 18.89 0.04
CA VAL D 107 26.54 18.42 -0.84
C VAL D 107 27.89 18.71 -0.21
N TYR D 108 27.98 19.89 0.40
CA TYR D 108 29.20 20.36 1.04
C TYR D 108 29.61 19.56 2.24
N ILE D 109 28.67 19.08 3.05
CA ILE D 109 29.06 18.28 4.21
C ILE D 109 29.51 16.84 3.92
N THR D 110 29.72 16.52 2.65
CA THR D 110 30.16 15.18 2.32
C THR D 110 31.49 15.23 1.58
N ASP D 111 32.19 16.37 1.67
CA ASP D 111 33.40 16.61 0.91
C ASP D 111 33.23 16.37 -0.57
N ASP D 112 32.16 16.91 -1.13
CA ASP D 112 31.89 16.69 -2.53
C ASP D 112 31.95 15.24 -2.99
N THR D 113 31.56 14.31 -2.13
CA THR D 113 31.48 12.93 -2.53
C THR D 113 30.40 12.73 -3.56
N TYR D 114 29.34 13.54 -3.48
CA TYR D 114 28.27 13.46 -4.47
C TYR D 114 27.98 14.82 -5.03
N THR D 115 27.39 14.86 -6.23
CA THR D 115 27.04 16.14 -6.78
C THR D 115 25.70 16.57 -6.26
N LYS D 116 25.36 17.81 -6.54
CA LYS D 116 24.04 18.32 -6.30
C LYS D 116 23.00 17.49 -7.01
N LYS D 117 23.24 17.13 -8.27
CA LYS D 117 22.25 16.37 -9.05
C LYS D 117 21.90 15.04 -8.42
N GLN D 118 22.93 14.35 -7.95
CA GLN D 118 22.76 13.09 -7.28
C GLN D 118 21.91 13.29 -6.04
N VAL D 119 22.25 14.30 -5.23
CA VAL D 119 21.49 14.60 -4.00
C VAL D 119 19.99 14.78 -4.29
N LEU D 120 19.69 15.56 -5.31
CA LEU D 120 18.31 15.77 -5.72
C LEU D 120 17.68 14.55 -6.32
N ARG D 121 18.42 13.81 -7.12
CA ARG D 121 17.86 12.62 -7.72
C ARG D 121 17.61 11.60 -6.65
N MET D 122 18.45 11.59 -5.62
CA MET D 122 18.21 10.69 -4.48
C MET D 122 17.06 11.12 -3.62
N GLU D 123 16.85 12.41 -3.48
CA GLU D 123 15.69 12.94 -2.72
C GLU D 123 14.38 12.43 -3.29
N HIS D 124 14.29 12.56 -4.59
CA HIS D 124 13.09 12.14 -5.29
C HIS D 124 12.95 10.62 -5.23
N LEU D 125 14.03 9.87 -5.31
CA LEU D 125 13.88 8.45 -5.20
C LEU D 125 13.39 8.03 -3.81
N VAL D 126 13.96 8.62 -2.77
CA VAL D 126 13.57 8.36 -1.39
C VAL D 126 12.10 8.63 -1.16
N LEU D 127 11.64 9.78 -1.60
CA LEU D 127 10.22 10.12 -1.51
C LEU D 127 9.37 9.09 -2.23
N LYS D 128 9.85 8.63 -3.37
CA LYS D 128 9.10 7.62 -4.14
C LYS D 128 9.02 6.28 -3.37
N VAL D 129 10.11 5.76 -2.84
CA VAL D 129 10.11 4.53 -2.05
C VAL D 129 9.36 4.69 -0.74
N LEU D 130 9.35 5.91 -0.23
CA LEU D 130 8.62 6.13 0.99
C LEU D 130 7.18 6.50 0.73
N THR D 131 6.76 6.56 -0.53
CA THR D 131 5.43 7.01 -0.91
C THR D 131 5.05 8.26 -0.11
N PHE D 132 6.02 9.14 0.07
CA PHE D 132 5.71 10.44 0.65
C PHE D 132 5.17 10.36 2.08
N ASP D 133 5.31 9.22 2.74
CA ASP D 133 4.86 9.13 4.12
C ASP D 133 5.96 9.64 5.02
N LEU D 134 6.13 10.96 5.11
CA LEU D 134 7.18 11.48 5.95
C LEU D 134 6.85 11.88 7.41
N ALA D 135 5.57 11.96 7.79
CA ALA D 135 5.22 12.38 9.13
C ALA D 135 5.27 11.15 10.03
N ALA D 136 6.46 10.62 10.27
CA ALA D 136 6.58 9.45 11.09
C ALA D 136 6.68 9.77 12.57
N PRO D 137 6.06 8.95 13.38
CA PRO D 137 6.21 9.11 14.82
C PRO D 137 7.59 8.69 15.26
N THR D 138 8.13 9.42 16.22
CA THR D 138 9.47 9.21 16.74
C THR D 138 9.52 9.11 18.26
N VAL D 139 10.63 8.56 18.74
CA VAL D 139 10.85 8.40 20.17
C VAL D 139 10.60 9.75 20.80
N ASN D 140 11.20 10.73 20.14
CA ASN D 140 11.15 12.14 20.55
C ASN D 140 9.71 12.63 20.80
N GLN D 141 8.81 12.31 19.89
CA GLN D 141 7.41 12.66 20.03
C GLN D 141 6.73 11.94 21.20
N PHE D 142 7.07 10.68 21.43
CA PHE D 142 6.46 9.95 22.53
C PHE D 142 6.97 10.46 23.88
N LEU D 143 8.28 10.71 23.96
CA LEU D 143 8.86 11.29 25.17
C LEU D 143 8.24 12.61 25.47
N THR D 144 8.01 13.42 24.46
CA THR D 144 7.34 14.71 24.64
C THR D 144 5.99 14.52 25.30
N GLN D 145 5.24 13.55 24.81
CA GLN D 145 3.97 13.29 25.46
C GLN D 145 4.20 12.77 26.88
N TYR D 146 5.22 11.95 27.08
CA TYR D 146 5.43 11.30 28.37
C TYR D 146 5.89 12.27 29.41
N PHE D 147 6.54 13.32 28.95
CA PHE D 147 7.06 14.33 29.84
C PHE D 147 5.97 15.01 30.61
N LEU D 148 4.75 15.01 30.11
CA LEU D 148 3.66 15.73 30.76
C LEU D 148 3.23 15.07 32.06
N HIS D 149 3.53 13.77 32.19
CA HIS D 149 3.10 12.99 33.35
C HIS D 149 4.21 12.98 34.37
N GLN D 150 5.06 13.99 34.26
CA GLN D 150 6.17 14.16 35.16
C GLN D 150 5.65 15.00 36.34
N GLN D 151 6.25 14.80 37.49
CA GLN D 151 5.72 15.38 38.71
C GLN D 151 6.74 15.58 39.83
N PRO D 152 7.39 16.74 39.87
CA PRO D 152 7.24 17.81 38.90
C PRO D 152 8.23 17.65 37.78
N ALA D 153 8.38 18.69 36.97
CA ALA D 153 9.29 18.66 35.85
C ALA D 153 10.71 18.71 36.36
N ASN D 154 11.49 17.72 35.96
CA ASN D 154 12.93 17.65 36.23
C ASN D 154 13.56 17.70 34.85
N CYS D 155 14.18 18.83 34.52
CA CYS D 155 14.77 19.06 33.21
C CYS D 155 16.01 18.21 32.87
N LYS D 156 16.64 17.62 33.88
CA LYS D 156 17.76 16.73 33.62
C LYS D 156 17.13 15.37 33.28
N VAL D 157 16.00 15.06 33.88
CA VAL D 157 15.31 13.82 33.54
C VAL D 157 14.92 13.86 32.08
N GLU D 158 14.38 14.98 31.68
CA GLU D 158 13.95 15.17 30.33
C GLU D 158 15.18 15.00 29.41
N SER D 159 16.19 15.84 29.60
CA SER D 159 17.44 15.74 28.85
C SER D 159 18.08 14.36 28.87
N LEU D 160 18.12 13.72 30.03
CA LEU D 160 18.67 12.37 30.05
C LEU D 160 17.89 11.41 29.14
N ALA D 161 16.57 11.51 29.20
CA ALA D 161 15.66 10.63 28.47
C ALA D 161 15.88 10.82 26.99
N MET D 162 15.81 12.07 26.57
CA MET D 162 16.19 12.44 25.22
C MET D 162 17.54 11.85 24.88
N PHE D 163 18.54 12.00 25.74
CA PHE D 163 19.85 11.43 25.47
C PHE D 163 19.82 9.95 25.16
N LEU D 164 19.17 9.17 26.01
CA LEU D 164 19.10 7.73 25.78
C LEU D 164 18.36 7.43 24.48
N GLY D 165 17.31 8.17 24.18
CA GLY D 165 16.61 8.00 22.91
C GLY D 165 17.53 8.10 21.71
N GLU D 166 18.40 9.10 21.67
CA GLU D 166 19.31 9.28 20.53
C GLU D 166 20.25 8.11 20.40
N LEU D 167 20.89 7.77 21.50
CA LEU D 167 21.72 6.58 21.53
C LEU D 167 21.04 5.35 20.95
N SER D 168 19.73 5.24 21.06
CA SER D 168 19.11 4.03 20.49
C SER D 168 19.07 4.04 18.95
N LEU D 169 19.24 5.22 18.36
CA LEU D 169 19.25 5.37 16.93
C LEU D 169 20.47 4.76 16.29
N ILE D 170 21.57 4.75 17.02
CA ILE D 170 22.86 4.27 16.53
C ILE D 170 22.95 2.76 16.26
N ASP D 171 22.28 1.99 17.10
CA ASP D 171 22.39 0.54 17.08
C ASP D 171 21.11 -0.18 16.65
N ALA D 172 21.06 -0.67 15.43
CA ALA D 172 19.89 -1.36 14.97
C ALA D 172 19.80 -2.75 15.58
N ASP D 173 20.98 -3.30 15.77
CA ASP D 173 21.33 -4.55 16.41
C ASP D 173 20.26 -5.39 17.07
N PRO D 174 19.54 -4.71 18.02
CA PRO D 174 18.16 -5.02 18.48
C PRO D 174 17.18 -3.83 18.42
N TYR D 175 17.62 -2.59 18.70
CA TYR D 175 16.70 -1.47 18.85
C TYR D 175 15.61 -1.35 17.81
N LEU D 176 15.94 -1.69 16.58
CA LEU D 176 14.98 -1.76 15.51
C LEU D 176 13.90 -2.78 15.76
N LYS D 177 14.09 -3.64 16.75
CA LYS D 177 13.04 -4.55 17.16
C LYS D 177 12.00 -3.99 18.13
N TYR D 178 12.12 -2.71 18.48
CA TYR D 178 11.17 -2.05 19.38
C TYR D 178 10.46 -0.85 18.73
N LEU D 179 9.18 -0.62 19.06
CA LEU D 179 8.43 0.54 18.55
C LEU D 179 8.97 1.76 19.27
N PRO D 180 8.94 2.94 18.63
CA PRO D 180 9.42 4.17 19.26
C PRO D 180 8.78 4.53 20.59
N SER D 181 7.54 4.14 20.78
CA SER D 181 6.88 4.47 22.03
C SER D 181 7.36 3.61 23.20
N VAL D 182 7.88 2.42 22.90
CA VAL D 182 8.30 1.45 23.92
C VAL D 182 9.68 1.84 24.39
N ILE D 183 10.46 2.33 23.44
CA ILE D 183 11.81 2.83 23.68
C ILE D 183 11.74 4.07 24.50
N ALA D 184 10.91 5.01 24.07
CA ALA D 184 10.69 6.21 24.85
C ALA D 184 10.28 5.80 26.27
N GLY D 185 9.37 4.85 26.37
CA GLY D 185 8.95 4.37 27.67
C GLY D 185 10.18 3.99 28.49
N ALA D 186 10.89 3.03 27.91
CA ALA D 186 12.12 2.53 28.48
C ALA D 186 13.07 3.67 28.83
N ALA D 187 13.15 4.67 27.97
CA ALA D 187 14.03 5.77 28.25
C ALA D 187 13.54 6.64 29.38
N PHE D 188 12.24 6.80 29.53
CA PHE D 188 11.71 7.68 30.56
C PHE D 188 11.93 7.08 31.96
N HIS D 189 11.54 5.84 32.13
CA HIS D 189 11.87 5.11 33.34
C HIS D 189 13.36 5.24 33.73
N LEU D 190 14.26 4.84 32.83
CA LEU D 190 15.70 4.89 33.06
C LEU D 190 16.20 6.28 33.43
N ALA D 191 15.70 7.30 32.75
CA ALA D 191 16.15 8.64 33.06
C ALA D 191 15.67 8.91 34.49
N LEU D 192 14.40 8.59 34.73
CA LEU D 192 13.74 8.91 35.99
C LEU D 192 14.48 8.27 37.11
N TYR D 193 14.53 6.95 37.01
CA TYR D 193 15.23 6.06 37.94
C TYR D 193 16.61 6.58 38.30
N THR D 194 17.36 6.99 37.28
CA THR D 194 18.69 7.50 37.45
C THR D 194 18.74 8.80 38.22
N VAL D 195 17.87 9.73 37.87
CA VAL D 195 17.93 11.07 38.46
C VAL D 195 17.17 11.25 39.80
N THR D 196 16.02 10.60 39.96
CA THR D 196 15.24 10.79 41.17
C THR D 196 14.79 9.47 41.81
N GLY D 197 15.32 8.34 41.36
CA GLY D 197 14.94 7.05 41.89
C GLY D 197 13.47 6.72 41.72
N GLN D 198 12.77 7.51 40.89
CA GLN D 198 11.36 7.29 40.64
C GLN D 198 11.24 6.32 39.46
N SER D 199 10.00 5.94 39.20
CA SER D 199 9.65 4.97 38.20
C SER D 199 8.73 5.45 37.10
N TRP D 200 8.05 4.48 36.51
CA TRP D 200 7.23 4.61 35.33
C TRP D 200 5.85 4.92 35.89
N PRO D 201 5.43 6.17 35.79
CA PRO D 201 4.16 6.62 36.38
C PRO D 201 2.99 5.67 36.14
N GLU D 202 2.22 5.45 37.19
CA GLU D 202 1.00 4.68 37.11
C GLU D 202 0.05 5.36 36.10
N SER D 203 0.17 6.67 35.92
CA SER D 203 -0.62 7.33 34.88
C SER D 203 -0.05 7.05 33.47
N LEU D 204 1.23 6.80 33.38
CA LEU D 204 1.74 6.45 32.07
C LEU D 204 1.43 4.97 31.87
N ILE D 205 1.45 4.21 32.95
CA ILE D 205 0.97 2.85 32.85
C ILE D 205 -0.44 2.85 32.24
N ARG D 206 -1.37 3.68 32.70
CA ARG D 206 -2.71 3.60 32.13
C ARG D 206 -2.88 4.24 30.77
N LYS D 207 -2.17 5.34 30.54
CA LYS D 207 -2.27 6.03 29.28
C LYS D 207 -1.84 5.10 28.18
N THR D 208 -0.64 4.54 28.35
CA THR D 208 -0.02 3.77 27.29
C THR D 208 -0.28 2.28 27.37
N GLY D 209 -0.85 1.82 28.48
CA GLY D 209 -1.15 0.40 28.71
C GLY D 209 0.12 -0.44 28.88
N TYR D 210 1.27 0.23 28.87
CA TYR D 210 2.54 -0.44 29.02
C TYR D 210 2.84 -0.57 30.52
N THR D 211 3.10 -1.77 31.00
CA THR D 211 3.59 -1.97 32.37
C THR D 211 5.12 -1.91 32.33
N LEU D 212 5.73 -1.63 33.47
CA LEU D 212 7.18 -1.68 33.58
C LEU D 212 7.65 -3.05 33.13
N GLU D 213 6.88 -4.04 33.52
CA GLU D 213 7.19 -5.38 33.10
C GLU D 213 7.33 -5.33 31.58
N SER D 214 6.28 -4.96 30.87
CA SER D 214 6.34 -4.93 29.41
C SER D 214 7.55 -4.17 28.86
N LEU D 215 8.00 -3.16 29.59
CA LEU D 215 9.16 -2.39 29.19
C LEU D 215 10.50 -3.06 29.51
N LYS D 216 10.54 -3.94 30.50
CA LYS D 216 11.77 -4.59 30.97
C LYS D 216 12.76 -5.07 29.88
N PRO D 217 12.31 -5.70 28.81
CA PRO D 217 13.26 -6.17 27.79
C PRO D 217 13.97 -5.04 27.10
N CYS D 218 13.19 -4.04 26.75
CA CYS D 218 13.75 -2.90 26.06
C CYS D 218 14.62 -2.23 27.06
N LEU D 219 14.15 -2.19 28.29
CA LEU D 219 14.84 -1.60 29.42
C LEU D 219 16.20 -2.27 29.65
N MET D 220 16.27 -3.59 29.56
CA MET D 220 17.57 -4.24 29.66
C MET D 220 18.45 -3.88 28.46
N ASP D 221 17.90 -3.99 27.24
CA ASP D 221 18.61 -3.68 25.99
C ASP D 221 19.03 -2.23 25.91
N LEU D 222 18.31 -1.36 26.63
CA LEU D 222 18.77 0.00 26.81
C LEU D 222 19.88 -0.29 27.79
N HIS D 223 19.88 0.32 28.98
CA HIS D 223 20.72 0.02 30.17
C HIS D 223 22.21 -0.34 29.93
N GLN D 224 22.38 -1.43 29.17
CA GLN D 224 23.64 -1.89 28.69
C GLN D 224 24.20 -0.75 27.87
N THR D 225 23.38 -0.19 26.98
CA THR D 225 23.85 0.88 26.11
C THR D 225 24.31 2.05 26.91
N TYR D 226 23.57 2.42 27.96
CA TYR D 226 23.92 3.53 28.84
C TYR D 226 25.29 3.23 29.51
N LEU D 227 25.45 2.00 29.98
CA LEU D 227 26.71 1.60 30.60
C LEU D 227 27.89 1.69 29.64
N LYS D 228 27.73 1.11 28.44
CA LYS D 228 28.83 0.93 27.48
C LYS D 228 29.03 2.12 26.58
N ALA D 229 28.28 3.17 26.86
CA ALA D 229 28.37 4.31 25.98
C ALA D 229 29.80 4.84 25.85
N PRO D 230 30.55 4.85 26.93
CA PRO D 230 31.91 5.36 26.87
C PRO D 230 32.80 4.53 25.98
N GLN D 231 32.48 3.25 25.83
CA GLN D 231 33.24 2.37 24.94
C GLN D 231 32.76 2.44 23.48
N HIS D 232 31.57 2.98 23.22
CA HIS D 232 31.05 2.93 21.85
C HIS D 232 31.96 3.67 20.89
N ALA D 233 32.17 3.06 19.75
CA ALA D 233 32.99 3.67 18.71
C ALA D 233 32.34 4.95 18.22
N GLN D 234 31.02 5.03 18.36
CA GLN D 234 30.31 6.20 17.91
C GLN D 234 30.12 7.05 19.13
N GLN D 235 30.51 8.32 19.05
CA GLN D 235 30.54 9.13 20.26
C GLN D 235 29.97 10.52 20.08
N SER D 236 29.26 10.78 19.00
CA SER D 236 28.80 12.14 18.76
C SER D 236 27.67 12.57 19.67
N ILE D 237 26.89 11.61 20.15
CA ILE D 237 25.74 11.93 20.95
C ILE D 237 26.19 12.33 22.34
N ARG D 238 26.93 11.43 23.00
CA ARG D 238 27.59 11.71 24.29
C ARG D 238 28.29 13.06 24.23
N GLU D 239 28.96 13.38 23.14
CA GLU D 239 29.60 14.69 23.10
C GLU D 239 28.53 15.77 23.11
N LYS D 240 27.50 15.61 22.30
CA LYS D 240 26.40 16.55 22.24
C LYS D 240 25.80 16.73 23.64
N TYR D 241 25.52 15.65 24.35
CA TYR D 241 24.79 15.76 25.60
C TYR D 241 25.63 16.14 26.85
N LYS D 242 26.80 16.74 26.60
CA LYS D 242 27.71 17.23 27.63
C LYS D 242 27.47 18.72 27.77
N ASN D 243 26.91 19.33 26.73
CA ASN D 243 26.72 20.77 26.66
C ASN D 243 25.79 21.36 27.74
N SER D 244 25.78 22.69 27.88
CA SER D 244 24.95 23.34 28.90
C SER D 244 23.48 23.12 28.54
N LYS D 245 23.25 23.29 27.23
CA LYS D 245 21.95 23.13 26.57
C LYS D 245 21.27 21.83 26.96
N TYR D 246 22.04 20.81 27.30
CA TYR D 246 21.48 19.57 27.81
C TYR D 246 21.93 19.25 29.24
N HIS D 247 22.27 20.26 30.02
CA HIS D 247 22.52 20.04 31.45
C HIS D 247 23.53 18.95 31.75
N GLY D 248 24.52 18.82 30.85
CA GLY D 248 25.61 17.86 31.00
C GLY D 248 25.23 16.41 31.26
N VAL D 249 23.98 16.09 31.03
CA VAL D 249 23.53 14.75 31.29
C VAL D 249 24.45 13.63 30.85
N SER D 250 25.13 13.80 29.72
CA SER D 250 25.99 12.70 29.27
C SER D 250 27.11 12.34 30.25
N LEU D 251 27.41 13.23 31.20
CA LEU D 251 28.46 13.03 32.21
C LEU D 251 27.92 12.29 33.39
N LEU D 252 26.61 12.34 33.62
CA LEU D 252 26.00 11.61 34.72
C LEU D 252 26.41 10.16 34.69
N ASN D 253 26.31 9.49 35.85
CA ASN D 253 26.74 8.10 36.03
C ASN D 253 25.54 7.18 36.00
N PRO D 254 25.54 6.16 35.18
CA PRO D 254 24.36 5.30 35.15
C PRO D 254 24.27 4.49 36.43
N PRO D 255 23.10 3.93 36.73
CA PRO D 255 22.94 3.02 37.85
C PRO D 255 23.64 1.79 37.45
N GLU D 256 23.98 0.95 38.42
CA GLU D 256 24.65 -0.28 38.10
C GLU D 256 23.61 -1.33 37.82
N THR D 257 22.50 -1.25 38.55
CA THR D 257 21.39 -2.16 38.34
C THR D 257 20.03 -1.45 38.23
N LEU D 258 19.01 -2.20 37.85
CA LEU D 258 17.69 -1.65 37.59
C LEU D 258 16.62 -2.12 38.58
N ASN D 259 16.94 -3.17 39.32
CA ASN D 259 16.02 -3.72 40.27
C ASN D 259 14.71 -4.17 39.67
N LEU D 260 14.78 -4.71 38.46
CA LEU D 260 13.63 -5.39 37.84
C LEU D 260 13.90 -6.89 37.87
N ARG E 1 -23.44 -3.62 -26.86
CA ARG E 1 -24.26 -2.40 -26.98
C ARG E 1 -23.74 -1.27 -26.08
N ARG E 2 -23.96 -0.02 -26.47
CA ARG E 2 -23.71 1.09 -25.58
C ARG E 2 -24.62 0.89 -24.39
N LEU E 3 -24.10 1.08 -23.18
CA LEU E 3 -24.89 0.83 -22.00
C LEU E 3 -25.72 2.05 -21.59
N ILE E 4 -27.00 1.80 -21.50
CA ILE E 4 -27.86 2.90 -21.18
C ILE E 4 -27.86 3.14 -19.68
N PHE E 5 -27.23 4.23 -19.28
CA PHE E 5 -27.09 4.63 -17.88
C PHE E 5 -27.81 5.95 -17.65
N ARG F 1 32.43 15.44 5.77
CA ARG F 1 33.58 14.52 5.56
C ARG F 1 33.06 13.34 4.78
N ARG F 2 33.84 12.90 3.81
CA ARG F 2 33.51 11.66 3.15
C ARG F 2 33.57 10.52 4.18
N LEU F 3 32.50 9.80 4.34
CA LEU F 3 32.55 8.63 5.26
C LEU F 3 33.21 7.46 4.52
N ILE F 4 34.23 6.88 5.14
CA ILE F 4 34.94 5.73 4.54
C ILE F 4 34.35 4.41 5.05
N PHE F 5 33.68 3.68 4.17
CA PHE F 5 33.01 2.45 4.58
C PHE F 5 33.78 1.16 4.28
#